data_9IW2
#
_entry.id   9IW2
#
_cell.length_a   57.087
_cell.length_b   118.995
_cell.length_c   228.048
_cell.angle_alpha   90.00
_cell.angle_beta   90.00
_cell.angle_gamma   90.00
#
_symmetry.space_group_name_H-M   'P 21 21 21'
#
loop_
_entity.id
_entity.type
_entity.pdbx_description
1 polymer 'CHIKV E1'
2 polymer 'C37 Heavy Chain'
3 polymer 'C37 light chain'
4 polymer Togavirin
#
loop_
_entity_poly.entity_id
_entity_poly.type
_entity_poly.pdbx_seq_one_letter_code
_entity_poly.pdbx_strand_id
1 'polypeptide(L)'
;GGGGSGGGGSGGGGSGGGGSYEHVTVIPNTVGVPYKTLVNRPGYSPMVLEMELLSVTLEPTLSLDYITCEYKTVIPSPYV
KCCGTAECKDKNLPDYSCKVFTGVYPFMWGGAYCFCDAENTQLSEAHVEKSESCKTEFASAYRAHTASASAKLRVLYQGN
NITVTAYANGDHAVTVKDAKFIVGPMSSAWTPFDNKIVVYKGDVYNMDYPPFGAGRPGQFGDIQSRTPESKDVYANTQLV
LQRPAAGTVHVPYSQAPSGFKYWLKERGASLQHTAPFGCQIATNPVRAVNCAVGNMPISIDIPEAAFTRVVDAPSLTDMS
CEVPACTHSSDFGGVAIIKYAASKKGKCAVHSMTNAVTIREAEIEVEGNSQLQISFSTALASAEFRVQVCSTQVHCAAEC
HPPKDHIVNYPASHTTLGVQDISATAMSWVQK
;
F
2 'polypeptide(L)'
;EFATMETDTLLLWVLLLWVPGSTGDQVQLQESGPGLVKPSETLSLTCTVSGGSIGSSSYYWGWIRQPPGKGLQWIGSFHY
SGTTYYNPSLKSRVTISVDTSKNHFSLKLSSVTAADTAVYYCASRQNWNDGYFDYWGQGTLVTVSSASTKGPSVFPLAPS
SKSTSGGTAALGCLVKDYFPEPVTVSWNSGALTSGVHTFPAVLQSSGLYSLSSVVTVPSSSLGTQTYICNVNHKPSNTKV
DKRVEPKSCDKTHTCPPCPHHHHHH
;
H
3 'polypeptide(L)'
;METDTLLLWVLLLWVPGSTGDDIQMTQSPATLSLSPGERATLFCRASQSVSSSLAWYQQKPGQAPRLLIYDASNRATGIP
ARFSGSGSGTDFTLTISSLEPEDFAVYYCQQRGNWPPITFGQGTRLDTKRTVAAPSVFIFPPSDEQLKSGTASVVCLLNN
FYPREAKVQWKVDNALQSGNSQESVTEQDSKDSTYSLSSTLTLSKADYEKHKVYACEVTHQGLSSPVTKSFNRGECS
;
L
4 'polypeptide(L)'
;MSLAIPVMCLLANTTFPCSQPPCTPCCYEKEPEETLRMLEDNVMRPGYYQLLQASLTCSPHRQRRSTKDNFNVYKATRPY
LAHCPDCGEGHSCHSPVALERIRNEATDGTLKIQVSLQIGIKTDDSHDWTKLRYMDNHMPADAERAGLFVRTSAPCTITG
TMGHFILARCPKGETLTVGFTDSRKISHSCTHPFHHDPPVIGREKFHSRPQHGKELPCSTYVQSTAATTEEIEVHMPPDT
PDRTLMSQQSGNVKITVNGQTVRYKCNCGGSNEGLTTTDKVINNCKVDQCHAAVTNHKKWQYNSPLVPRNAELGDRKGKI
HIPFPLANVTCRVPKARNPTVTYGKNQVIMLLYPDHPTLLSYRNMGEEPNYQEEWVMHKKEVVLTVPTEGLEVTWGNNEP
YKYWPQ
;
P
#
# COMPACT_ATOMS: atom_id res chain seq x y z
N GLY A 19 63.17 29.09 17.08
CA GLY A 19 62.50 30.29 16.61
C GLY A 19 62.14 31.28 17.70
N SER A 20 60.87 31.28 18.09
CA SER A 20 60.36 32.22 19.05
C SER A 20 60.53 31.75 20.47
N TYR A 21 59.45 31.72 21.25
CA TYR A 21 59.56 31.33 22.65
C TYR A 21 58.25 30.70 23.11
N GLU A 22 58.31 29.42 23.47
CA GLU A 22 57.21 28.82 24.21
C GLU A 22 57.16 29.38 25.62
N HIS A 23 55.95 29.73 26.07
CA HIS A 23 55.62 29.79 27.48
C HIS A 23 54.50 28.80 27.73
N VAL A 24 54.62 28.06 28.82
CA VAL A 24 53.69 26.99 29.16
C VAL A 24 53.07 27.32 30.51
N THR A 25 51.74 27.33 30.56
CA THR A 25 51.03 27.62 31.79
C THR A 25 49.90 26.61 31.95
N VAL A 26 49.43 26.45 33.18
CA VAL A 26 48.29 25.59 33.48
C VAL A 26 47.23 26.44 34.17
N ILE A 27 46.06 26.57 33.54
CA ILE A 27 44.97 27.35 34.11
C ILE A 27 43.87 26.38 34.52
N PRO A 28 43.15 26.63 35.62
CA PRO A 28 42.07 25.72 36.00
C PRO A 28 40.91 25.77 35.01
N ASN A 29 40.22 24.64 34.90
CA ASN A 29 39.12 24.47 33.95
C ASN A 29 37.84 25.10 34.50
N THR A 30 37.87 26.42 34.61
CA THR A 30 36.70 27.21 34.97
C THR A 30 36.48 28.27 33.90
N VAL A 31 35.33 28.19 33.23
CA VAL A 31 34.99 29.19 32.24
C VAL A 31 34.61 30.49 32.94
N GLY A 32 35.03 31.61 32.36
CA GLY A 32 34.60 32.92 32.82
C GLY A 32 35.43 33.57 33.90
N VAL A 33 36.46 32.88 34.40
CA VAL A 33 37.34 33.44 35.41
C VAL A 33 38.73 33.60 34.76
N PRO A 34 39.19 34.82 34.54
CA PRO A 34 40.48 35.00 33.87
C PRO A 34 41.67 34.85 34.81
N TYR A 35 42.80 34.48 34.22
CA TYR A 35 44.05 34.32 34.94
C TYR A 35 45.17 34.92 34.11
N LYS A 36 46.19 35.44 34.79
CA LYS A 36 47.32 36.07 34.15
C LYS A 36 48.59 35.26 34.36
N THR A 37 49.37 35.11 33.30
CA THR A 37 50.61 34.34 33.37
C THR A 37 51.80 35.22 33.01
N LEU A 38 52.95 34.82 33.55
CA LEU A 38 54.15 35.64 33.67
C LEU A 38 55.21 35.11 32.72
N VAL A 39 55.57 35.90 31.72
CA VAL A 39 56.54 35.52 30.71
C VAL A 39 57.85 36.25 30.99
N ASN A 40 58.90 35.48 31.22
CA ASN A 40 60.27 35.98 31.41
C ASN A 40 61.13 35.31 30.35
N ARG A 41 61.25 35.95 29.18
CA ARG A 41 62.26 35.52 28.22
C ARG A 41 63.51 36.32 28.55
N PRO A 42 64.56 35.68 29.08
CA PRO A 42 65.58 36.42 29.84
C PRO A 42 66.19 37.58 29.06
N GLY A 43 66.24 38.73 29.71
CA GLY A 43 66.76 39.94 29.11
C GLY A 43 65.76 40.71 28.26
N TYR A 44 64.55 40.21 28.09
CA TYR A 44 63.53 40.86 27.27
C TYR A 44 62.41 41.38 28.17
N SER A 45 61.40 41.97 27.54
CA SER A 45 60.24 42.58 28.17
C SER A 45 59.57 41.63 29.18
N PRO A 46 59.65 41.93 30.49
CA PRO A 46 58.92 41.12 31.48
C PRO A 46 57.43 41.28 31.26
N MET A 47 56.75 40.21 30.84
CA MET A 47 55.44 40.33 30.23
C MET A 47 54.38 39.58 31.02
N VAL A 48 53.15 40.09 30.96
CA VAL A 48 51.99 39.44 31.58
C VAL A 48 50.90 39.34 30.53
N LEU A 49 50.37 38.12 30.35
CA LEU A 49 49.26 37.92 29.42
C LEU A 49 48.05 37.37 30.15
N GLU A 50 46.87 37.78 29.70
CA GLU A 50 45.62 37.35 30.32
C GLU A 50 44.98 36.25 29.49
N MET A 51 44.33 35.30 30.14
CA MET A 51 43.60 34.25 29.45
C MET A 51 42.35 33.89 30.23
N GLU A 52 41.25 33.69 29.50
CA GLU A 52 39.98 33.30 30.09
C GLU A 52 39.33 32.25 29.20
N LEU A 53 38.98 31.11 29.79
CA LEU A 53 38.17 30.13 29.08
C LEU A 53 36.78 30.71 28.82
N LEU A 54 36.35 30.64 27.56
CA LEU A 54 35.02 31.08 27.16
C LEU A 54 34.07 29.92 26.96
N SER A 55 34.58 28.75 26.57
CA SER A 55 33.76 27.60 26.25
C SER A 55 34.60 26.34 26.27
N VAL A 56 34.19 25.34 27.06
CA VAL A 56 34.89 24.07 27.15
C VAL A 56 33.91 23.01 26.64
N THR A 57 34.00 22.67 25.37
CA THR A 57 33.03 21.84 24.69
C THR A 57 33.55 20.42 24.59
N LEU A 58 32.70 19.45 24.95
CA LEU A 58 33.11 18.05 25.09
C LEU A 58 32.11 17.19 24.34
N GLU A 59 32.51 16.65 23.20
CA GLU A 59 31.59 15.98 22.27
C GLU A 59 31.87 14.48 22.21
N PRO A 60 31.03 13.63 22.79
CA PRO A 60 31.27 12.19 22.70
C PRO A 60 31.13 11.67 21.28
N THR A 61 31.88 10.60 20.99
CA THR A 61 31.80 9.94 19.70
C THR A 61 30.63 8.97 19.74
N LEU A 62 29.54 9.33 19.08
CA LEU A 62 28.29 8.58 19.15
C LEU A 62 28.29 7.46 18.12
N SER A 63 27.68 6.33 18.51
CA SER A 63 27.54 5.18 17.63
C SER A 63 26.20 4.53 17.93
N LEU A 64 25.25 4.67 17.00
CA LEU A 64 23.86 4.34 17.28
C LEU A 64 23.65 2.83 17.33
N ASP A 65 23.09 2.34 18.43
CA ASP A 65 22.53 0.99 18.42
C ASP A 65 21.20 0.96 17.69
N TYR A 66 20.23 1.78 18.13
CA TYR A 66 18.92 1.69 17.48
C TYR A 66 18.06 2.91 17.82
N ILE A 67 16.81 2.88 17.33
CA ILE A 67 15.80 3.87 17.64
C ILE A 67 14.55 3.16 18.14
N THR A 68 13.63 3.94 18.71
CA THR A 68 12.38 3.39 19.21
C THR A 68 11.29 4.46 19.10
N CYS A 69 10.05 3.99 19.09
CA CYS A 69 8.89 4.82 18.78
C CYS A 69 7.62 4.03 19.11
N GLU A 70 6.47 4.64 18.85
CA GLU A 70 5.22 3.91 18.99
C GLU A 70 5.16 2.75 18.00
N TYR A 71 4.44 1.72 18.38
CA TYR A 71 4.07 0.65 17.45
C TYR A 71 2.68 0.91 16.90
N LYS A 72 2.38 0.20 15.81
CA LYS A 72 1.06 0.19 15.19
C LYS A 72 0.65 -1.26 15.09
N THR A 73 -0.49 -1.61 15.68
CA THR A 73 -1.03 -2.95 15.60
C THR A 73 -1.96 -3.01 14.39
N VAL A 74 -1.49 -3.65 13.33
CA VAL A 74 -2.24 -3.76 12.09
C VAL A 74 -3.18 -4.96 12.19
N ILE A 75 -4.48 -4.69 12.04
CA ILE A 75 -5.54 -5.68 12.21
C ILE A 75 -6.53 -5.57 11.04
N PRO A 76 -6.58 -6.55 10.13
CA PRO A 76 -7.53 -6.47 9.01
C PRO A 76 -8.94 -6.80 9.43
N SER A 77 -9.85 -6.88 8.46
CA SER A 77 -11.16 -7.44 8.73
C SER A 77 -11.02 -8.91 9.11
N PRO A 78 -11.66 -9.37 10.18
CA PRO A 78 -11.62 -10.80 10.49
C PRO A 78 -12.32 -11.59 9.39
N TYR A 79 -11.85 -12.82 9.16
CA TYR A 79 -12.49 -13.69 8.19
C TYR A 79 -13.54 -14.53 8.91
N VAL A 80 -14.80 -14.15 8.78
CA VAL A 80 -15.89 -14.87 9.41
C VAL A 80 -16.36 -15.94 8.42
N LYS A 81 -15.89 -17.17 8.62
CA LYS A 81 -16.33 -18.28 7.79
C LYS A 81 -17.64 -18.81 8.34
N CYS A 82 -18.70 -18.61 7.57
CA CYS A 82 -20.01 -19.15 7.88
C CYS A 82 -20.11 -20.57 7.35
N CYS A 83 -20.57 -21.50 8.19
CA CYS A 83 -20.75 -22.90 7.81
C CYS A 83 -19.44 -23.49 7.29
N GLY A 84 -18.44 -23.45 8.16
CA GLY A 84 -17.11 -23.93 7.83
C GLY A 84 -16.15 -23.54 8.92
N THR A 85 -14.88 -23.87 8.69
CA THR A 85 -13.82 -23.57 9.65
C THR A 85 -12.66 -22.89 8.93
N ALA A 86 -12.27 -21.72 9.44
CA ALA A 86 -11.12 -21.02 8.91
C ALA A 86 -9.84 -21.59 9.51
N GLU A 87 -8.73 -21.38 8.81
CA GLU A 87 -7.44 -21.89 9.23
C GLU A 87 -6.42 -20.75 9.23
N CYS A 88 -5.56 -20.72 10.26
CA CYS A 88 -4.45 -19.78 10.27
C CYS A 88 -3.31 -20.25 9.38
N LYS A 89 -2.70 -19.30 8.68
CA LYS A 89 -1.49 -19.51 7.89
C LYS A 89 -0.41 -18.64 8.52
N ASP A 90 0.66 -19.25 9.01
CA ASP A 90 1.74 -18.48 9.61
C ASP A 90 2.30 -17.47 8.61
N LYS A 91 2.48 -16.25 9.09
CA LYS A 91 3.12 -15.19 8.34
C LYS A 91 4.33 -14.71 9.12
N ASN A 92 5.40 -14.32 8.41
CA ASN A 92 6.60 -13.81 9.05
C ASN A 92 6.41 -12.30 9.23
N LEU A 93 5.76 -11.92 10.31
CA LEU A 93 5.52 -10.52 10.63
C LEU A 93 5.80 -10.31 12.11
N PRO A 94 6.21 -9.11 12.50
CA PRO A 94 6.52 -8.87 13.92
C PRO A 94 5.28 -9.04 14.79
N ASP A 95 5.41 -9.90 15.80
CA ASP A 95 4.30 -10.25 16.70
C ASP A 95 3.08 -10.72 15.91
N TYR A 96 3.32 -11.47 14.83
CA TYR A 96 2.20 -12.00 14.07
C TYR A 96 1.39 -12.96 14.93
N SER A 97 0.13 -12.60 15.16
CA SER A 97 -0.75 -13.40 15.99
C SER A 97 -2.00 -13.72 15.20
N CYS A 98 -2.31 -15.01 15.08
CA CYS A 98 -3.48 -15.48 14.34
C CYS A 98 -4.19 -16.52 15.18
N LYS A 99 -5.52 -16.58 15.04
CA LYS A 99 -6.28 -17.46 15.90
C LYS A 99 -7.70 -17.59 15.36
N VAL A 100 -8.24 -18.82 15.40
CA VAL A 100 -9.54 -19.14 14.83
C VAL A 100 -10.48 -19.53 15.97
N PHE A 101 -11.48 -18.69 16.22
CA PHE A 101 -12.46 -18.92 17.27
C PHE A 101 -13.68 -19.60 16.68
N THR A 102 -14.26 -20.56 17.41
CA THR A 102 -15.39 -21.31 16.90
C THR A 102 -16.65 -21.03 17.72
N GLY A 103 -17.77 -21.50 17.19
CA GLY A 103 -19.07 -21.28 17.82
C GLY A 103 -19.54 -19.84 17.81
N VAL A 104 -19.30 -19.13 16.72
CA VAL A 104 -19.56 -17.69 16.63
C VAL A 104 -20.84 -17.45 15.84
N TYR A 105 -21.58 -16.42 16.23
CA TYR A 105 -22.83 -16.04 15.55
C TYR A 105 -22.97 -14.53 15.58
N PRO A 106 -22.26 -13.84 14.68
CA PRO A 106 -22.25 -12.37 14.74
C PRO A 106 -23.40 -11.75 13.97
N PHE A 107 -23.65 -10.48 14.28
CA PHE A 107 -24.69 -9.68 13.66
C PHE A 107 -24.11 -8.44 13.00
N MET A 108 -24.44 -8.23 11.73
CA MET A 108 -24.27 -6.93 11.08
C MET A 108 -25.57 -6.14 11.27
N TRP A 109 -25.64 -4.96 10.63
CA TRP A 109 -26.78 -4.09 10.87
C TRP A 109 -28.08 -4.70 10.38
N GLY A 110 -28.05 -5.45 9.28
CA GLY A 110 -29.26 -5.96 8.67
C GLY A 110 -29.69 -7.33 9.15
N GLY A 111 -29.02 -7.89 10.16
CA GLY A 111 -29.35 -9.20 10.66
C GLY A 111 -28.10 -10.01 10.90
N ALA A 112 -28.28 -11.32 11.04
CA ALA A 112 -27.17 -12.21 11.29
C ALA A 112 -26.38 -12.46 10.01
N TYR A 113 -25.06 -12.49 10.14
CA TYR A 113 -24.20 -12.67 8.97
C TYR A 113 -24.28 -14.10 8.44
N CYS A 114 -24.34 -15.09 9.33
CA CYS A 114 -24.27 -16.48 8.94
C CYS A 114 -25.65 -17.14 8.97
N PHE A 115 -25.78 -18.21 8.19
CA PHE A 115 -27.01 -18.97 8.11
C PHE A 115 -27.00 -20.17 9.06
N CYS A 116 -25.83 -20.73 9.34
CA CYS A 116 -25.70 -21.78 10.33
C CYS A 116 -25.72 -21.19 11.73
N ASP A 117 -26.21 -21.98 12.70
CA ASP A 117 -26.33 -21.52 14.08
C ASP A 117 -25.05 -21.77 14.88
N ALA A 118 -24.68 -23.02 15.04
CA ALA A 118 -23.31 -23.39 15.42
C ALA A 118 -22.49 -23.39 14.14
N GLU A 119 -21.32 -24.02 14.17
CA GLU A 119 -20.62 -24.42 12.96
C GLU A 119 -20.01 -23.24 12.21
N ASN A 120 -19.85 -22.10 12.88
CA ASN A 120 -19.24 -20.91 12.30
C ASN A 120 -17.92 -20.61 12.98
N THR A 121 -17.00 -20.00 12.24
CA THR A 121 -15.68 -19.68 12.78
C THR A 121 -15.29 -18.27 12.40
N GLN A 122 -14.45 -17.66 13.25
CA GLN A 122 -13.86 -16.37 12.97
C GLN A 122 -12.34 -16.47 12.99
N LEU A 123 -11.72 -16.05 11.90
CA LEU A 123 -10.28 -15.89 11.81
C LEU A 123 -9.94 -14.47 12.24
N SER A 124 -9.27 -14.33 13.39
CA SER A 124 -8.71 -13.07 13.83
C SER A 124 -7.19 -13.11 13.63
N GLU A 125 -6.64 -12.10 12.97
CA GLU A 125 -5.21 -12.01 12.78
C GLU A 125 -4.77 -10.56 12.98
N ALA A 126 -3.51 -10.40 13.37
CA ALA A 126 -2.93 -9.08 13.59
C ALA A 126 -1.42 -9.21 13.56
N HIS A 127 -0.75 -8.08 13.38
CA HIS A 127 0.69 -8.04 13.57
C HIS A 127 1.09 -6.64 13.99
N VAL A 128 2.38 -6.42 14.17
CA VAL A 128 2.89 -5.14 14.63
C VAL A 128 3.90 -4.61 13.64
N GLU A 129 3.83 -3.30 13.38
CA GLU A 129 4.85 -2.64 12.59
C GLU A 129 5.04 -1.25 13.18
N LYS A 130 5.99 -0.49 12.63
CA LYS A 130 6.19 0.87 13.14
C LYS A 130 5.05 1.78 12.73
N SER A 131 4.67 2.65 13.65
CA SER A 131 3.86 3.80 13.30
C SER A 131 4.63 4.67 12.30
N GLU A 132 3.87 5.44 11.52
CA GLU A 132 4.50 6.39 10.62
C GLU A 132 5.23 7.47 11.43
N SER A 133 4.64 7.84 12.59
CA SER A 133 5.21 8.84 13.48
C SER A 133 6.65 8.55 13.87
N CYS A 134 7.12 7.31 13.65
CA CYS A 134 8.50 6.98 13.97
C CYS A 134 9.48 7.86 13.22
N LYS A 135 9.07 8.42 12.07
CA LYS A 135 9.93 9.34 11.35
C LYS A 135 10.11 10.66 12.10
N THR A 136 9.20 11.01 13.00
CA THR A 136 9.20 12.31 13.65
C THR A 136 9.33 12.24 15.17
N GLU A 137 8.60 11.34 15.81
CA GLU A 137 8.67 11.15 17.26
C GLU A 137 9.40 9.83 17.52
N PHE A 138 10.65 9.93 17.97
CA PHE A 138 11.43 8.73 18.23
C PHE A 138 12.59 9.07 19.16
N ALA A 139 13.02 8.07 19.92
CA ALA A 139 14.19 8.17 20.79
C ALA A 139 15.31 7.32 20.20
N SER A 140 16.55 7.75 20.46
CA SER A 140 17.73 7.08 19.93
C SER A 140 18.54 6.49 21.06
N ALA A 141 19.04 5.26 20.88
CA ALA A 141 19.88 4.58 21.83
C ALA A 141 21.27 4.43 21.22
N TYR A 142 22.24 5.14 21.81
CA TYR A 142 23.61 5.22 21.36
C TYR A 142 24.58 4.63 22.38
N ARG A 143 25.70 4.14 21.89
CA ARG A 143 26.93 4.06 22.68
C ARG A 143 27.69 5.36 22.53
N ALA A 144 28.00 6.01 23.65
CA ALA A 144 28.78 7.23 23.65
C ALA A 144 30.22 6.85 23.99
N HIS A 145 31.15 7.17 23.08
CA HIS A 145 32.54 6.84 23.26
C HIS A 145 33.34 8.11 23.54
N THR A 146 34.56 7.91 24.07
CA THR A 146 35.32 8.98 24.70
C THR A 146 35.30 10.26 23.89
N ALA A 147 34.85 11.33 24.54
CA ALA A 147 34.67 12.60 23.85
C ALA A 147 36.00 13.23 23.47
N SER A 148 35.97 14.05 22.43
CA SER A 148 37.09 14.89 22.05
C SER A 148 36.89 16.27 22.64
N ALA A 149 37.91 16.76 23.34
CA ALA A 149 37.81 18.05 24.01
C ALA A 149 37.99 19.19 23.02
N SER A 150 37.33 20.32 23.32
CA SER A 150 37.41 21.50 22.48
C SER A 150 37.42 22.72 23.39
N ALA A 151 37.95 23.84 22.89
CA ALA A 151 38.12 25.00 23.74
C ALA A 151 38.04 26.30 22.96
N LYS A 152 37.21 27.21 23.44
CA LYS A 152 37.22 28.61 23.03
C LYS A 152 37.90 29.40 24.15
N LEU A 153 38.90 30.20 23.78
CA LEU A 153 39.76 30.82 24.78
C LEU A 153 40.07 32.25 24.38
N ARG A 154 39.94 33.18 25.32
CA ARG A 154 40.30 34.57 25.10
C ARG A 154 41.70 34.82 25.65
N VAL A 155 42.55 35.42 24.82
CA VAL A 155 43.91 35.78 25.20
C VAL A 155 44.04 37.30 25.03
N LEU A 156 44.42 37.97 26.12
CA LEU A 156 44.72 39.40 26.10
C LEU A 156 46.23 39.55 26.05
N TYR A 157 46.69 40.24 25.00
CA TYR A 157 48.03 40.06 24.42
C TYR A 157 48.42 41.40 23.77
N GLN A 158 49.20 42.21 24.49
CA GLN A 158 49.74 43.49 24.02
C GLN A 158 48.71 44.29 23.23
N GLY A 159 47.55 44.50 23.87
CA GLY A 159 46.48 45.26 23.25
C GLY A 159 45.54 44.45 22.39
N ASN A 160 45.45 43.14 22.59
CA ASN A 160 44.60 42.29 21.77
C ASN A 160 43.79 41.35 22.65
N ASN A 161 42.47 41.52 22.65
CA ASN A 161 41.55 40.43 22.98
C ASN A 161 41.38 39.59 21.73
N ILE A 162 42.06 38.45 21.67
CA ILE A 162 41.94 37.50 20.58
C ILE A 162 41.27 36.25 21.12
N THR A 163 40.63 35.50 20.24
CA THR A 163 39.91 34.30 20.62
C THR A 163 40.36 33.13 19.75
N VAL A 164 40.73 32.03 20.41
CA VAL A 164 41.28 30.85 19.77
C VAL A 164 40.32 29.69 20.00
N THR A 165 40.28 28.75 19.05
CA THR A 165 39.29 27.66 19.04
C THR A 165 39.98 26.32 18.79
N ALA A 166 41.04 26.03 19.55
CA ALA A 166 41.78 24.78 19.37
C ALA A 166 41.03 23.58 19.96
N TYR A 167 41.50 22.39 19.60
CA TYR A 167 41.11 21.16 20.28
C TYR A 167 42.00 20.94 21.50
N ALA A 168 41.40 20.67 22.65
CA ALA A 168 42.17 20.51 23.88
C ALA A 168 42.76 19.11 24.01
N ASN A 169 43.48 18.66 22.99
CA ASN A 169 44.15 17.37 23.02
C ASN A 169 45.66 17.49 23.15
N GLY A 170 46.20 18.70 23.15
CA GLY A 170 47.64 18.89 23.15
C GLY A 170 48.30 18.72 21.80
N ASP A 171 47.53 18.62 20.72
CA ASP A 171 48.09 18.42 19.39
C ASP A 171 47.66 19.47 18.38
N HIS A 172 46.39 19.88 18.39
CA HIS A 172 45.87 20.82 17.41
C HIS A 172 46.44 22.21 17.71
N ALA A 173 47.41 22.62 16.91
CA ALA A 173 48.00 23.96 17.02
C ALA A 173 47.21 24.95 16.18
N VAL A 174 47.04 26.16 16.72
CA VAL A 174 46.32 27.22 16.03
C VAL A 174 47.16 28.48 16.05
N THR A 175 47.18 29.20 14.92
CA THR A 175 47.93 30.44 14.79
C THR A 175 46.96 31.62 14.90
N VAL A 176 47.21 32.49 15.87
CA VAL A 176 46.42 33.73 15.97
C VAL A 176 47.37 34.90 16.23
N LYS A 177 47.26 35.92 15.38
CA LYS A 177 48.19 37.06 15.38
C LYS A 177 49.64 36.58 15.49
N ASP A 178 49.97 35.57 14.67
CA ASP A 178 51.32 35.02 14.57
C ASP A 178 51.80 34.44 15.90
N ALA A 179 50.85 33.96 16.70
CA ALA A 179 51.16 33.26 17.94
C ALA A 179 50.72 31.81 17.83
N LYS A 180 51.64 30.90 18.20
CA LYS A 180 51.31 29.50 18.45
C LYS A 180 50.43 29.32 19.67
N PHE A 181 49.35 28.54 19.51
CA PHE A 181 48.59 28.02 20.64
C PHE A 181 48.42 26.51 20.50
N ILE A 182 48.77 25.79 21.57
CA ILE A 182 48.35 24.40 21.74
C ILE A 182 47.69 24.25 23.11
N VAL A 183 46.47 23.74 23.12
CA VAL A 183 45.69 23.59 24.34
C VAL A 183 45.53 22.11 24.63
N GLY A 184 45.49 21.77 25.91
CA GLY A 184 45.27 20.41 26.33
C GLY A 184 46.55 19.59 26.41
N PRO A 185 46.42 18.29 26.71
CA PRO A 185 45.17 17.55 26.94
C PRO A 185 44.56 17.88 28.29
N MET A 186 43.28 17.62 28.45
CA MET A 186 42.60 17.94 29.70
C MET A 186 43.13 17.08 30.84
N SER A 187 43.19 17.67 32.04
CA SER A 187 43.65 16.94 33.21
C SER A 187 42.66 15.88 33.67
N SER A 188 41.44 15.90 33.14
CA SER A 188 40.37 15.04 33.63
C SER A 188 39.82 14.18 32.50
N ALA A 189 39.46 12.94 32.83
CA ALA A 189 38.76 12.07 31.91
C ALA A 189 37.24 12.13 32.09
N TRP A 190 36.77 12.94 33.03
CA TRP A 190 35.40 12.84 33.52
C TRP A 190 34.38 13.18 32.44
N THR A 191 33.25 12.47 32.45
CA THR A 191 32.19 12.61 31.47
C THR A 191 30.84 12.55 32.18
N PRO A 192 29.92 13.48 31.89
CA PRO A 192 28.56 13.33 32.41
C PRO A 192 27.76 12.25 31.69
N PHE A 193 28.25 11.77 30.56
CA PHE A 193 27.56 10.77 29.76
C PHE A 193 28.01 9.39 30.21
N ASP A 194 27.06 8.49 30.44
CA ASP A 194 27.37 7.12 30.80
C ASP A 194 27.88 6.39 29.57
N ASN A 195 28.12 5.09 29.70
CA ASN A 195 28.60 4.31 28.55
C ASN A 195 27.54 4.24 27.44
N LYS A 196 26.26 4.15 27.82
CA LYS A 196 25.16 4.11 26.87
C LYS A 196 24.17 5.22 27.19
N ILE A 197 23.76 5.97 26.16
CA ILE A 197 22.90 7.13 26.34
C ILE A 197 21.66 6.99 25.46
N VAL A 198 20.62 7.73 25.84
CA VAL A 198 19.37 7.79 25.10
C VAL A 198 19.04 9.25 24.83
N VAL A 199 18.72 9.57 23.58
CA VAL A 199 18.56 10.94 23.12
C VAL A 199 17.15 11.13 22.58
N TYR A 200 16.47 12.20 23.02
CA TYR A 200 15.13 12.52 22.54
C TYR A 200 15.00 14.03 22.33
N LYS A 201 14.96 14.46 21.07
CA LYS A 201 14.63 15.83 20.65
C LYS A 201 15.43 16.90 21.37
N GLY A 202 16.53 16.58 22.02
CA GLY A 202 17.23 17.62 22.76
C GLY A 202 17.39 17.36 24.24
N ASP A 203 17.08 16.14 24.66
CA ASP A 203 17.33 15.69 26.02
C ASP A 203 18.18 14.43 25.96
N VAL A 204 19.15 14.33 26.87
CA VAL A 204 20.05 13.20 26.95
C VAL A 204 19.83 12.51 28.29
N TYR A 205 19.84 11.18 28.28
CA TYR A 205 19.59 10.40 29.48
C TYR A 205 20.64 9.30 29.57
N ASN A 206 21.15 9.09 30.79
CA ASN A 206 21.99 7.93 31.07
C ASN A 206 21.07 6.74 31.33
N MET A 207 21.01 5.80 30.40
CA MET A 207 20.09 4.67 30.49
C MET A 207 20.76 3.42 29.98
N ASP A 208 20.73 2.37 30.81
CA ASP A 208 21.28 1.07 30.45
C ASP A 208 20.29 0.34 29.53
N TYR A 209 20.09 0.93 28.34
CA TYR A 209 19.02 0.49 27.46
C TYR A 209 19.27 -0.93 26.96
N PRO A 210 18.23 -1.76 26.86
CA PRO A 210 18.42 -3.13 26.44
C PRO A 210 18.97 -3.21 25.03
N PRO A 211 19.82 -4.18 24.75
CA PRO A 211 20.41 -4.30 23.41
C PRO A 211 19.33 -4.63 22.38
N PHE A 212 19.65 -4.35 21.12
CA PHE A 212 18.72 -4.65 20.03
C PHE A 212 18.36 -6.13 20.03
N GLY A 213 17.07 -6.40 19.82
CA GLY A 213 16.55 -7.75 19.90
C GLY A 213 16.15 -8.18 21.29
N ALA A 214 16.44 -7.38 22.32
CA ALA A 214 16.08 -7.70 23.69
C ALA A 214 14.99 -6.78 24.22
N GLY A 215 14.12 -6.32 23.32
CA GLY A 215 13.07 -5.40 23.74
C GLY A 215 12.13 -6.01 24.75
N ARG A 216 11.59 -5.14 25.59
CA ARG A 216 10.89 -5.47 26.81
C ARG A 216 9.41 -5.12 26.67
N PRO A 217 8.50 -6.07 26.86
CA PRO A 217 7.06 -5.77 26.70
C PRO A 217 6.63 -4.63 27.61
N GLY A 218 6.17 -3.55 27.00
CA GLY A 218 5.68 -2.40 27.74
C GLY A 218 6.74 -1.46 28.28
N GLN A 219 8.02 -1.79 28.09
CA GLN A 219 9.12 -0.95 28.53
C GLN A 219 9.78 -0.30 27.32
N PHE A 220 10.76 0.57 27.62
CA PHE A 220 11.57 1.20 26.59
C PHE A 220 12.15 0.15 25.64
N GLY A 221 11.82 0.27 24.37
CA GLY A 221 12.35 -0.64 23.37
C GLY A 221 11.52 -1.86 23.10
N ASP A 222 10.24 -1.88 23.51
CA ASP A 222 9.36 -2.98 23.08
C ASP A 222 9.34 -3.07 21.57
N ILE A 223 9.51 -1.94 20.89
CA ILE A 223 9.84 -1.88 19.48
C ILE A 223 11.28 -1.39 19.35
N GLN A 224 12.09 -2.13 18.60
CA GLN A 224 13.46 -1.73 18.29
C GLN A 224 13.65 -1.73 16.79
N SER A 225 14.25 -0.66 16.26
CA SER A 225 14.55 -0.54 14.85
C SER A 225 15.89 0.15 14.69
N ARG A 226 16.63 -0.25 13.66
CA ARG A 226 17.99 0.26 13.50
C ARG A 226 18.00 1.72 13.08
N THR A 227 17.07 2.13 12.24
CA THR A 227 16.89 3.52 11.85
C THR A 227 15.38 3.81 11.85
N PRO A 228 15.00 5.08 11.91
CA PRO A 228 13.57 5.42 11.70
C PRO A 228 13.06 4.99 10.34
N GLU A 229 13.95 4.53 9.47
CA GLU A 229 13.68 4.28 8.06
C GLU A 229 13.54 2.80 7.74
N SER A 230 14.03 1.92 8.62
CA SER A 230 13.99 0.48 8.38
C SER A 230 12.56 0.01 8.19
N LYS A 231 12.38 -0.94 7.28
CA LYS A 231 11.14 -1.69 7.21
C LYS A 231 11.20 -2.99 8.00
N ASP A 232 12.38 -3.35 8.52
CA ASP A 232 12.51 -4.37 9.55
C ASP A 232 12.42 -3.71 10.92
N VAL A 233 11.70 -4.37 11.84
CA VAL A 233 11.73 -4.01 13.25
C VAL A 233 11.69 -5.26 14.10
N TYR A 234 12.17 -5.11 15.32
CA TYR A 234 11.95 -6.10 16.36
C TYR A 234 10.72 -5.68 17.17
N ALA A 235 9.86 -6.64 17.49
CA ALA A 235 8.64 -6.33 18.23
C ALA A 235 8.44 -7.34 19.36
N ASN A 236 8.12 -6.82 20.55
CA ASN A 236 7.79 -7.67 21.69
C ASN A 236 6.77 -6.89 22.52
N THR A 237 5.48 -7.15 22.25
CA THR A 237 4.41 -6.41 22.90
C THR A 237 3.38 -7.29 23.59
N GLN A 238 3.56 -8.61 23.62
CA GLN A 238 2.58 -9.54 24.18
C GLN A 238 1.21 -9.35 23.52
N LEU A 239 1.22 -9.24 22.19
CA LEU A 239 -0.03 -9.14 21.45
C LEU A 239 -0.75 -10.48 21.48
N VAL A 240 -1.92 -10.50 22.11
CA VAL A 240 -2.71 -11.71 22.25
C VAL A 240 -4.11 -11.41 21.75
N LEU A 241 -4.56 -12.16 20.74
CA LEU A 241 -5.92 -12.02 20.24
C LEU A 241 -6.91 -12.70 21.17
N GLN A 242 -8.09 -12.12 21.29
CA GLN A 242 -9.10 -12.57 22.23
C GLN A 242 -10.37 -12.93 21.48
N ARG A 243 -11.19 -13.78 22.10
CA ARG A 243 -12.44 -14.20 21.46
C ARG A 243 -13.37 -13.02 21.29
N PRO A 244 -13.95 -12.83 20.10
CA PRO A 244 -14.93 -11.74 19.92
C PRO A 244 -16.18 -11.99 20.74
N ALA A 245 -16.84 -10.91 21.12
CA ALA A 245 -18.04 -10.97 21.93
C ALA A 245 -19.18 -11.64 21.17
N ALA A 246 -20.20 -12.06 21.91
CA ALA A 246 -21.36 -12.68 21.28
C ALA A 246 -22.04 -11.70 20.35
N GLY A 247 -22.27 -12.13 19.11
CA GLY A 247 -23.00 -11.35 18.14
C GLY A 247 -22.24 -10.19 17.53
N THR A 248 -20.98 -9.96 17.92
CA THR A 248 -20.23 -8.78 17.52
C THR A 248 -19.16 -9.13 16.51
N VAL A 249 -19.07 -8.34 15.44
CA VAL A 249 -17.96 -8.43 14.50
C VAL A 249 -16.91 -7.42 14.96
N HIS A 250 -15.88 -7.92 15.64
CA HIS A 250 -14.76 -7.08 16.06
C HIS A 250 -13.58 -8.00 16.35
N VAL A 251 -12.42 -7.40 16.57
CA VAL A 251 -11.21 -8.17 16.79
C VAL A 251 -10.58 -7.74 18.12
N PRO A 252 -11.16 -8.11 19.25
CA PRO A 252 -10.59 -7.69 20.54
C PRO A 252 -9.28 -8.41 20.84
N TYR A 253 -8.41 -7.73 21.59
CA TYR A 253 -7.09 -8.28 21.85
C TYR A 253 -6.53 -7.66 23.12
N SER A 254 -5.46 -8.27 23.61
CA SER A 254 -4.66 -7.73 24.72
C SER A 254 -3.26 -7.42 24.20
N GLN A 255 -2.68 -6.34 24.71
CA GLN A 255 -1.37 -5.91 24.25
C GLN A 255 -0.75 -5.02 25.30
N ALA A 256 0.58 -5.07 25.39
CA ALA A 256 1.30 -4.19 26.30
C ALA A 256 1.38 -2.80 25.70
N PRO A 257 0.84 -1.77 26.35
CA PRO A 257 0.86 -0.43 25.74
C PRO A 257 2.28 0.06 25.51
N SER A 258 2.41 0.93 24.50
CA SER A 258 3.71 1.30 23.95
C SER A 258 4.72 1.67 25.04
N GLY A 259 5.90 1.05 24.95
CA GLY A 259 6.98 1.41 25.85
C GLY A 259 7.52 2.79 25.60
N PHE A 260 7.48 3.26 24.34
CA PHE A 260 7.97 4.58 24.01
C PHE A 260 7.11 5.67 24.67
N LYS A 261 5.79 5.51 24.64
CA LYS A 261 4.90 6.42 25.36
C LYS A 261 5.15 6.38 26.86
N TYR A 262 5.23 5.17 27.43
CA TYR A 262 5.42 5.05 28.87
C TYR A 262 6.72 5.69 29.30
N TRP A 263 7.77 5.56 28.49
CA TRP A 263 9.03 6.23 28.82
C TRP A 263 8.92 7.74 28.66
N LEU A 264 8.36 8.22 27.56
CA LEU A 264 8.23 9.67 27.40
C LEU A 264 7.38 10.29 28.50
N LYS A 265 6.53 9.50 29.16
CA LYS A 265 5.73 10.02 30.26
C LYS A 265 6.26 9.65 31.63
N GLU A 266 7.31 8.83 31.72
CA GLU A 266 7.97 8.50 32.97
C GLU A 266 9.44 8.88 33.04
N ARG A 267 10.02 9.37 31.93
CA ARG A 267 11.48 9.41 31.78
C ARG A 267 12.17 10.20 32.89
N GLY A 268 11.49 11.16 33.49
CA GLY A 268 12.08 11.91 34.56
C GLY A 268 13.09 12.93 34.08
N ALA A 269 13.84 13.47 35.03
CA ALA A 269 14.74 14.58 34.74
C ALA A 269 15.91 14.13 33.87
N SER A 270 16.21 14.93 32.84
CA SER A 270 17.29 14.61 31.92
C SER A 270 18.64 15.02 32.51
N LEU A 271 19.70 14.85 31.73
CA LEU A 271 21.05 15.17 32.21
C LEU A 271 21.31 16.67 32.25
N GLN A 272 20.63 17.46 31.42
CA GLN A 272 20.82 18.91 31.45
C GLN A 272 20.51 19.48 32.83
N HIS A 273 19.63 18.83 33.57
CA HIS A 273 19.20 19.32 34.87
C HIS A 273 19.85 18.59 36.04
N THR A 274 20.52 17.46 35.79
CA THR A 274 21.03 16.62 36.86
C THR A 274 22.53 16.38 36.84
N ALA A 275 23.22 16.73 35.76
CA ALA A 275 24.65 16.45 35.65
C ALA A 275 25.43 17.32 36.64
N PRO A 276 26.49 16.80 37.24
CA PRO A 276 27.31 17.60 38.16
C PRO A 276 28.29 18.48 37.38
N PHE A 277 29.10 19.23 38.13
CA PHE A 277 30.10 20.17 37.62
C PHE A 277 29.48 21.30 36.81
N GLY A 278 28.17 21.50 36.90
CA GLY A 278 27.54 22.56 36.14
C GLY A 278 27.59 22.36 34.64
N CYS A 279 27.62 21.12 34.19
CA CYS A 279 27.64 20.86 32.75
C CYS A 279 26.37 21.36 32.09
N GLN A 280 26.51 21.91 30.89
CA GLN A 280 25.37 22.22 30.04
C GLN A 280 25.36 21.21 28.92
N ILE A 281 24.26 20.48 28.77
CA ILE A 281 24.18 19.35 27.86
C ILE A 281 23.31 19.75 26.68
N ALA A 282 23.82 19.53 25.46
CA ALA A 282 23.08 19.84 24.25
C ALA A 282 23.09 18.61 23.34
N THR A 283 22.16 18.60 22.40
CA THR A 283 22.07 17.53 21.41
C THR A 283 22.29 18.11 20.01
N ASN A 284 22.36 17.21 19.04
CA ASN A 284 22.58 17.51 17.63
C ASN A 284 23.72 18.51 17.47
N PRO A 285 24.98 18.12 17.78
CA PRO A 285 25.42 16.83 18.34
C PRO A 285 25.29 16.76 19.86
N VAL A 286 25.23 15.55 20.42
CA VAL A 286 25.29 15.39 21.87
C VAL A 286 26.62 15.90 22.38
N ARG A 287 26.60 16.74 23.40
CA ARG A 287 27.83 17.31 23.91
C ARG A 287 27.62 17.89 25.31
N ALA A 288 28.69 17.86 26.09
CA ALA A 288 28.77 18.47 27.41
C ALA A 288 29.59 19.75 27.31
N VAL A 289 29.17 20.79 28.00
CA VAL A 289 29.71 22.13 27.82
C VAL A 289 30.01 22.75 29.18
N ASN A 290 31.16 23.42 29.27
CA ASN A 290 31.56 24.19 30.45
C ASN A 290 31.53 23.35 31.73
N CYS A 291 31.86 22.06 31.61
CA CYS A 291 31.96 21.20 32.78
C CYS A 291 33.16 21.65 33.62
N ALA A 292 32.90 22.26 34.77
CA ALA A 292 33.96 22.79 35.62
C ALA A 292 34.59 21.64 36.42
N VAL A 293 35.38 20.83 35.71
CA VAL A 293 36.09 19.71 36.29
C VAL A 293 37.52 19.70 35.75
N GLY A 294 38.47 19.45 36.64
CA GLY A 294 39.86 19.41 36.25
C GLY A 294 40.44 20.78 35.95
N ASN A 295 41.57 20.77 35.24
CA ASN A 295 42.23 21.98 34.78
C ASN A 295 42.84 21.69 33.40
N MET A 296 43.61 22.63 32.88
CA MET A 296 43.98 22.56 31.47
C MET A 296 45.26 23.33 31.18
N PRO A 297 46.21 22.74 30.44
CA PRO A 297 47.43 23.46 30.06
C PRO A 297 47.32 24.19 28.74
N ILE A 298 48.10 25.27 28.63
CA ILE A 298 48.18 26.10 27.43
C ILE A 298 49.64 26.35 27.10
N SER A 299 49.97 26.23 25.81
CA SER A 299 51.28 26.54 25.26
C SER A 299 51.14 27.68 24.28
N ILE A 300 51.85 28.78 24.53
CA ILE A 300 51.86 29.96 23.67
C ILE A 300 53.28 30.13 23.18
N ASP A 301 53.51 29.98 21.88
CA ASP A 301 54.81 30.35 21.31
C ASP A 301 54.66 31.75 20.73
N ILE A 302 55.30 32.70 21.40
CA ILE A 302 55.34 34.11 21.03
C ILE A 302 56.56 34.36 20.16
N PRO A 303 56.42 35.04 19.03
CA PRO A 303 57.60 35.44 18.25
C PRO A 303 58.38 36.55 18.94
N GLU A 304 59.56 36.82 18.39
CA GLU A 304 60.45 37.84 18.94
C GLU A 304 59.77 39.20 19.08
N ALA A 305 58.88 39.54 18.13
CA ALA A 305 58.39 40.91 18.01
C ALA A 305 57.76 41.43 19.30
N ALA A 306 57.16 40.54 20.10
CA ALA A 306 56.56 40.97 21.35
C ALA A 306 57.60 41.30 22.41
N PHE A 307 58.82 40.78 22.27
CA PHE A 307 59.85 40.94 23.28
C PHE A 307 60.80 42.05 22.87
N THR A 308 60.94 43.04 23.74
CA THR A 308 61.90 44.12 23.57
C THR A 308 62.90 44.03 24.71
N ARG A 309 64.19 44.02 24.37
CA ARG A 309 65.23 43.84 25.38
C ARG A 309 65.10 44.90 26.47
N VAL A 310 65.48 44.51 27.69
CA VAL A 310 65.42 45.39 28.85
C VAL A 310 66.24 46.67 28.63
N VAL A 311 67.09 46.69 27.59
CA VAL A 311 67.77 47.92 27.17
C VAL A 311 66.79 49.08 27.09
N ASP A 312 65.58 48.81 26.60
CA ASP A 312 64.55 49.84 26.49
C ASP A 312 63.64 49.93 27.71
N ALA A 313 63.81 49.06 28.70
CA ALA A 313 62.99 49.09 29.90
C ALA A 313 63.36 50.30 30.76
N PRO A 314 62.42 50.81 31.55
CA PRO A 314 62.75 51.96 32.40
C PRO A 314 63.67 51.57 33.55
N SER A 315 64.61 52.46 33.85
CA SER A 315 65.44 52.35 35.05
C SER A 315 64.66 52.99 36.20
N LEU A 316 64.27 52.17 37.17
CA LEU A 316 63.27 52.59 38.15
C LEU A 316 63.93 53.26 39.35
N THR A 317 63.98 54.59 39.31
CA THR A 317 64.07 55.46 40.47
C THR A 317 62.70 56.08 40.69
N ASP A 318 62.54 56.84 41.78
CA ASP A 318 61.20 57.24 42.18
C ASP A 318 60.32 56.01 42.36
N MET A 319 60.56 55.25 43.41
CA MET A 319 59.97 53.92 43.60
C MET A 319 59.06 53.97 44.82
N SER A 320 57.79 54.37 44.64
CA SER A 320 56.99 54.47 45.85
C SER A 320 55.53 54.08 45.61
N CYS A 321 54.90 53.53 46.65
CA CYS A 321 53.55 52.99 46.56
C CYS A 321 52.64 53.51 47.67
N GLU A 322 51.36 53.17 47.55
CA GLU A 322 50.28 53.54 48.45
C GLU A 322 49.08 52.66 48.17
N VAL A 323 48.35 52.32 49.23
CA VAL A 323 47.15 51.49 49.09
C VAL A 323 45.99 52.17 49.83
N PRO A 324 45.16 52.96 49.12
CA PRO A 324 44.17 53.80 49.81
C PRO A 324 42.96 53.07 50.39
N ALA A 325 42.39 52.10 49.68
CA ALA A 325 41.16 51.46 50.15
C ALA A 325 41.01 50.10 49.51
N CYS A 326 40.51 49.13 50.28
CA CYS A 326 40.37 47.76 49.79
C CYS A 326 39.19 47.07 50.46
N THR A 327 38.60 46.12 49.74
CA THR A 327 37.57 45.24 50.28
C THR A 327 37.84 43.83 49.77
N HIS A 328 37.55 42.82 50.61
CA HIS A 328 37.96 41.45 50.33
C HIS A 328 37.02 40.71 49.38
N SER A 329 36.10 41.40 48.71
CA SER A 329 35.17 40.72 47.83
C SER A 329 35.88 40.19 46.60
N SER A 330 35.26 39.18 45.96
CA SER A 330 35.79 38.58 44.74
C SER A 330 35.44 39.37 43.49
N ASP A 331 35.07 40.64 43.67
CA ASP A 331 34.64 41.57 42.62
C ASP A 331 35.76 42.55 42.26
N PHE A 332 35.38 43.65 41.60
CA PHE A 332 36.32 44.66 41.09
C PHE A 332 36.89 45.42 42.30
N GLY A 333 37.84 44.79 43.00
CA GLY A 333 38.02 45.13 44.40
C GLY A 333 39.34 45.63 44.97
N GLY A 334 40.03 46.55 44.28
CA GLY A 334 41.22 47.13 44.88
C GLY A 334 41.80 48.27 44.07
N VAL A 335 42.55 49.13 44.76
CA VAL A 335 43.13 50.33 44.17
C VAL A 335 44.48 50.63 44.81
N ALA A 336 45.41 51.20 44.02
CA ALA A 336 46.74 51.51 44.53
C ALA A 336 47.39 52.63 43.72
N ILE A 337 48.38 53.27 44.35
CA ILE A 337 49.04 54.49 43.88
C ILE A 337 50.54 54.25 43.83
N ILE A 338 51.22 54.77 42.80
CA ILE A 338 52.68 54.64 42.68
C ILE A 338 53.27 55.90 42.04
N LYS A 339 54.45 56.28 42.54
CA LYS A 339 55.37 57.22 41.90
C LYS A 339 56.48 56.43 41.20
N TYR A 340 56.79 56.80 39.94
CA TYR A 340 57.77 56.08 39.14
C TYR A 340 58.56 57.05 38.25
N ALA A 341 59.69 56.58 37.75
CA ALA A 341 60.50 57.33 36.79
C ALA A 341 60.96 56.39 35.68
N ALA A 342 60.82 56.83 34.43
CA ALA A 342 61.09 56.00 33.26
C ALA A 342 62.24 56.56 32.44
N SER A 343 62.67 55.77 31.44
CA SER A 343 63.81 56.12 30.60
C SER A 343 63.43 56.51 29.18
N LYS A 344 62.29 56.05 28.66
CA LYS A 344 61.78 56.49 27.37
C LYS A 344 60.32 56.11 27.27
N LYS A 345 59.74 56.24 26.08
CA LYS A 345 58.31 56.12 25.86
C LYS A 345 57.97 54.70 25.45
N GLY A 346 57.09 54.04 26.20
CA GLY A 346 56.75 52.66 25.88
C GLY A 346 55.83 52.02 26.90
N LYS A 347 55.89 50.69 26.94
CA LYS A 347 54.97 49.83 27.67
C LYS A 347 55.67 49.25 28.91
N CYS A 348 54.87 48.67 29.82
CA CYS A 348 55.45 47.73 30.78
C CYS A 348 54.34 47.01 31.55
N ALA A 349 54.65 45.81 32.03
CA ALA A 349 53.68 44.88 32.62
C ALA A 349 53.79 44.84 34.15
N VAL A 350 52.82 44.17 34.77
CA VAL A 350 52.59 44.21 36.22
C VAL A 350 52.28 42.80 36.73
N HIS A 351 52.86 42.42 37.87
CA HIS A 351 52.58 41.11 38.46
C HIS A 351 52.88 41.19 39.96
N SER A 352 52.65 40.08 40.66
CA SER A 352 52.87 40.02 42.10
C SER A 352 53.46 38.67 42.50
N MET A 353 53.85 38.58 43.77
CA MET A 353 54.34 37.35 44.39
C MET A 353 53.34 36.69 45.32
N THR A 354 52.12 37.22 45.41
CA THR A 354 51.15 36.76 46.41
C THR A 354 50.13 35.85 45.76
N ASN A 355 50.02 34.62 46.27
CA ASN A 355 49.05 33.68 45.74
C ASN A 355 47.62 34.05 46.08
N ALA A 356 47.42 34.88 47.11
CA ALA A 356 46.09 35.27 47.55
C ALA A 356 45.64 36.62 46.99
N VAL A 357 46.52 37.35 46.32
CA VAL A 357 46.23 38.69 45.83
C VAL A 357 46.66 38.78 44.36
N THR A 358 45.83 39.43 43.54
CA THR A 358 46.11 39.55 42.12
C THR A 358 45.67 40.92 41.62
N ILE A 359 45.85 41.15 40.33
CA ILE A 359 45.62 42.42 39.67
C ILE A 359 45.05 42.14 38.29
N ARG A 360 44.04 42.91 37.85
CA ARG A 360 43.64 42.76 36.46
C ARG A 360 44.27 43.83 35.56
N GLU A 361 44.87 44.87 36.13
CA GLU A 361 45.74 45.76 35.38
C GLU A 361 47.00 45.01 34.98
N ALA A 362 47.31 44.97 33.69
CA ALA A 362 48.31 44.04 33.19
C ALA A 362 49.52 44.71 32.57
N GLU A 363 49.33 45.61 31.62
CA GLU A 363 50.44 46.18 30.85
C GLU A 363 50.05 47.57 30.40
N ILE A 364 50.72 48.59 30.95
CA ILE A 364 50.24 49.96 30.94
C ILE A 364 51.39 50.92 30.63
N GLU A 365 51.04 52.22 30.70
CA GLU A 365 51.88 53.34 30.31
C GLU A 365 53.21 53.36 31.06
N VAL A 366 54.30 53.62 30.34
CA VAL A 366 55.59 53.96 30.94
C VAL A 366 56.24 55.02 30.06
N GLU A 367 56.24 56.27 30.52
CA GLU A 367 56.60 57.38 29.65
C GLU A 367 57.03 58.56 30.50
N GLY A 368 58.21 59.11 30.20
CA GLY A 368 58.68 60.26 30.95
C GLY A 368 59.08 59.91 32.38
N ASN A 369 58.60 60.73 33.32
CA ASN A 369 58.84 60.53 34.75
C ASN A 369 57.56 60.96 35.45
N SER A 370 56.81 60.01 36.02
CA SER A 370 55.41 60.31 36.29
C SER A 370 54.92 59.53 37.50
N GLN A 371 53.61 59.57 37.72
CA GLN A 371 52.98 58.98 38.88
C GLN A 371 51.58 58.55 38.45
N LEU A 372 51.18 57.33 38.78
CA LEU A 372 49.87 56.88 38.34
C LEU A 372 49.26 55.91 39.36
N GLN A 373 48.18 55.26 38.94
CA GLN A 373 47.24 54.55 39.79
C GLN A 373 46.66 53.38 39.01
N ILE A 374 46.45 52.25 39.70
CA ILE A 374 45.83 51.09 39.05
C ILE A 374 44.89 50.39 40.02
N SER A 375 44.14 49.45 39.48
CA SER A 375 43.20 48.61 40.21
C SER A 375 43.79 47.21 40.42
N PHE A 376 43.13 46.45 41.29
CA PHE A 376 43.47 45.06 41.53
C PHE A 376 42.25 44.37 42.13
N SER A 377 42.44 43.12 42.56
CA SER A 377 41.44 42.43 43.38
C SER A 377 42.17 41.49 44.32
N THR A 378 41.66 41.36 45.54
CA THR A 378 42.32 40.58 46.58
C THR A 378 41.34 39.63 47.24
N ALA A 379 41.82 38.45 47.59
CA ALA A 379 41.01 37.46 48.28
C ALA A 379 41.00 37.64 49.79
N LEU A 380 42.10 38.11 50.37
CA LEU A 380 42.20 38.32 51.80
C LEU A 380 41.73 39.72 52.19
N ALA A 381 41.19 39.83 53.40
CA ALA A 381 40.79 41.12 53.96
C ALA A 381 41.93 41.81 54.67
N SER A 382 43.09 41.16 54.79
CA SER A 382 44.29 41.79 55.31
C SER A 382 45.47 41.17 54.58
N ALA A 383 46.26 42.00 53.90
CA ALA A 383 47.29 41.51 52.99
C ALA A 383 48.64 42.11 53.37
N GLU A 384 49.64 41.23 53.48
CA GLU A 384 51.06 41.59 53.53
C GLU A 384 51.67 41.03 52.25
N PHE A 385 51.84 41.87 51.24
CA PHE A 385 52.09 41.35 49.90
C PHE A 385 53.30 42.03 49.27
N ARG A 386 53.85 41.34 48.27
CA ARG A 386 55.10 41.73 47.62
C ARG A 386 54.88 41.63 46.11
N VAL A 387 54.94 42.77 45.42
CA VAL A 387 54.55 42.84 44.02
C VAL A 387 55.74 43.31 43.20
N GLN A 388 55.71 43.04 41.89
CA GLN A 388 56.76 43.46 40.99
C GLN A 388 56.17 44.12 39.76
N VAL A 389 56.84 45.17 39.31
CA VAL A 389 56.54 45.80 38.03
C VAL A 389 57.86 46.04 37.32
N CYS A 390 57.88 45.78 36.02
CA CYS A 390 59.03 46.06 35.17
C CYS A 390 60.28 45.36 35.70
N SER A 391 61.20 46.13 36.27
CA SER A 391 62.47 45.60 36.75
C SER A 391 62.61 45.62 38.26
N THR A 392 61.58 46.03 39.02
CA THR A 392 61.73 46.13 40.46
C THR A 392 60.49 45.62 41.18
N GLN A 393 60.70 45.12 42.40
CA GLN A 393 59.63 44.79 43.33
C GLN A 393 59.41 45.92 44.33
N VAL A 394 58.39 45.71 45.16
CA VAL A 394 58.07 46.57 46.28
C VAL A 394 57.10 45.81 47.17
N HIS A 395 57.18 46.06 48.48
CA HIS A 395 56.28 45.43 49.43
C HIS A 395 55.23 46.44 49.91
N CYS A 396 54.00 45.96 50.08
CA CYS A 396 52.92 46.80 50.56
C CYS A 396 52.02 45.97 51.47
N ALA A 397 51.04 46.65 52.07
CA ALA A 397 50.10 46.00 52.97
C ALA A 397 48.77 46.73 52.89
N ALA A 398 47.71 46.03 53.32
CA ALA A 398 46.37 46.60 53.32
C ALA A 398 45.47 45.83 54.27
N GLU A 399 44.34 46.44 54.60
CA GLU A 399 43.29 45.78 55.37
C GLU A 399 41.94 46.17 54.80
N CYS A 400 41.00 45.23 54.87
CA CYS A 400 39.71 45.36 54.20
C CYS A 400 38.58 45.28 55.22
N HIS A 401 37.60 46.19 55.08
CA HIS A 401 36.36 46.13 55.86
C HIS A 401 35.32 45.32 55.10
N PRO A 402 34.68 44.34 55.74
CA PRO A 402 33.82 43.43 54.99
C PRO A 402 32.64 44.16 54.38
N PRO A 403 32.14 43.70 53.24
CA PRO A 403 31.03 44.39 52.57
C PRO A 403 29.68 44.09 53.21
N LYS A 404 28.70 44.91 52.85
CA LYS A 404 27.30 44.73 53.22
C LYS A 404 26.58 43.77 52.28
N ASP A 405 27.34 42.94 51.57
CA ASP A 405 26.81 41.99 50.60
C ASP A 405 27.39 40.61 50.91
N HIS A 406 26.69 39.56 50.45
CA HIS A 406 27.05 38.20 50.84
C HIS A 406 27.13 37.19 49.69
N ILE A 407 26.52 37.44 48.53
CA ILE A 407 26.53 36.50 47.41
C ILE A 407 26.96 37.22 46.14
N VAL A 408 27.82 36.57 45.35
CA VAL A 408 28.36 37.10 44.10
C VAL A 408 28.02 36.13 42.97
N ASN A 409 28.49 36.45 41.74
CA ASN A 409 28.04 35.70 40.57
C ASN A 409 29.17 35.30 39.61
N TYR A 410 30.41 35.22 40.09
CA TYR A 410 31.44 34.37 39.50
C TYR A 410 32.36 33.86 40.60
N PRO A 411 33.03 32.71 40.39
CA PRO A 411 34.02 32.22 41.36
C PRO A 411 35.35 32.97 41.26
N GLN B 26 -6.36 -10.52 -16.99
CA GLN B 26 -5.19 -10.85 -16.19
C GLN B 26 -4.87 -12.35 -16.27
N VAL B 27 -5.89 -13.18 -16.16
CA VAL B 27 -5.71 -14.62 -16.04
C VAL B 27 -6.10 -15.29 -17.36
N GLN B 28 -5.65 -16.53 -17.51
CA GLN B 28 -5.93 -17.34 -18.68
C GLN B 28 -6.45 -18.70 -18.25
N LEU B 29 -7.52 -19.14 -18.88
CA LEU B 29 -8.11 -20.45 -18.60
C LEU B 29 -7.87 -21.38 -19.76
N GLN B 30 -7.45 -22.60 -19.47
CA GLN B 30 -7.28 -23.60 -20.52
C GLN B 30 -7.90 -24.92 -20.08
N GLU B 31 -8.80 -25.44 -20.92
CA GLU B 31 -9.46 -26.71 -20.65
C GLU B 31 -8.54 -27.89 -20.93
N SER B 32 -8.88 -29.02 -20.32
CA SER B 32 -8.09 -30.23 -20.40
C SER B 32 -9.06 -31.40 -20.26
N GLY B 33 -9.21 -32.20 -21.32
CA GLY B 33 -10.24 -33.20 -21.35
C GLY B 33 -9.97 -34.40 -22.22
N PRO B 34 -10.80 -35.44 -22.04
CA PRO B 34 -10.57 -36.72 -22.73
C PRO B 34 -11.00 -36.72 -24.19
N GLY B 35 -11.99 -35.93 -24.53
CA GLY B 35 -12.47 -35.92 -25.92
C GLY B 35 -13.48 -36.98 -26.33
N LEU B 36 -13.23 -38.24 -26.00
CA LEU B 36 -14.15 -39.32 -26.33
C LEU B 36 -14.49 -40.08 -25.06
N VAL B 37 -15.77 -40.07 -24.69
CA VAL B 37 -16.24 -40.73 -23.48
C VAL B 37 -17.35 -41.69 -23.85
N LYS B 38 -17.35 -42.88 -23.24
CA LYS B 38 -18.39 -43.84 -23.57
C LYS B 38 -19.58 -43.70 -22.62
N PRO B 39 -20.77 -44.12 -23.06
CA PRO B 39 -21.97 -43.93 -22.25
C PRO B 39 -21.89 -44.60 -20.88
N SER B 40 -22.52 -43.94 -19.91
CA SER B 40 -22.59 -44.32 -18.51
C SER B 40 -21.29 -44.07 -17.77
N GLU B 41 -20.23 -43.72 -18.47
CA GLU B 41 -19.01 -43.33 -17.76
C GLU B 41 -19.13 -41.86 -17.34
N THR B 42 -18.13 -41.38 -16.61
CA THR B 42 -18.17 -40.06 -16.00
C THR B 42 -17.15 -39.17 -16.68
N LEU B 43 -17.65 -38.22 -17.50
CA LEU B 43 -16.79 -37.22 -18.10
C LEU B 43 -16.13 -36.39 -17.01
N SER B 44 -14.82 -36.17 -17.17
CA SER B 44 -14.04 -35.44 -16.17
C SER B 44 -13.14 -34.45 -16.88
N LEU B 45 -13.30 -33.16 -16.55
CA LEU B 45 -12.59 -32.08 -17.20
C LEU B 45 -11.86 -31.22 -16.17
N THR B 46 -10.71 -30.68 -16.59
CA THR B 46 -9.89 -29.82 -15.76
C THR B 46 -9.68 -28.49 -16.47
N CYS B 47 -10.11 -27.41 -15.85
CA CYS B 47 -9.76 -26.07 -16.32
C CYS B 47 -8.61 -25.57 -15.48
N THR B 48 -7.45 -25.42 -16.12
CA THR B 48 -6.24 -24.95 -15.47
C THR B 48 -6.14 -23.44 -15.63
N VAL B 49 -5.78 -22.77 -14.54
CA VAL B 49 -5.74 -21.32 -14.45
C VAL B 49 -4.29 -20.84 -14.44
N SER B 50 -4.02 -19.80 -15.23
CA SER B 50 -2.67 -19.29 -15.45
C SER B 50 -2.66 -17.80 -15.17
N GLY B 51 -1.58 -17.33 -14.53
CA GLY B 51 -1.42 -15.93 -14.22
C GLY B 51 -2.09 -15.47 -12.94
N GLY B 52 -2.57 -16.38 -12.11
CA GLY B 52 -3.19 -16.02 -10.85
C GLY B 52 -3.75 -17.23 -10.11
N SER B 53 -3.64 -17.23 -8.79
CA SER B 53 -4.12 -18.34 -8.00
C SER B 53 -5.64 -18.40 -8.00
N ILE B 54 -6.18 -19.62 -7.82
CA ILE B 54 -7.62 -19.82 -7.92
C ILE B 54 -8.37 -18.95 -6.92
N GLY B 55 -7.99 -19.03 -5.65
CA GLY B 55 -8.76 -18.41 -4.59
C GLY B 55 -8.79 -16.90 -4.64
N SER B 56 -8.02 -16.29 -5.53
CA SER B 56 -7.92 -14.84 -5.60
C SER B 56 -8.26 -14.26 -6.96
N SER B 57 -8.45 -15.08 -7.99
CA SER B 57 -8.41 -14.60 -9.37
C SER B 57 -9.79 -14.32 -9.97
N SER B 58 -10.89 -14.69 -9.31
CA SER B 58 -12.18 -14.54 -9.96
C SER B 58 -13.29 -14.67 -8.92
N TYR B 59 -14.44 -14.08 -9.23
CA TYR B 59 -15.59 -14.15 -8.33
C TYR B 59 -16.50 -15.35 -8.61
N TYR B 60 -16.60 -15.79 -9.86
CA TYR B 60 -17.22 -17.06 -10.21
C TYR B 60 -16.32 -17.81 -11.18
N TRP B 61 -16.13 -19.10 -10.95
CA TRP B 61 -15.59 -19.99 -11.96
C TRP B 61 -16.76 -20.81 -12.47
N GLY B 62 -16.67 -21.36 -13.68
CA GLY B 62 -17.85 -22.04 -14.18
C GLY B 62 -17.59 -22.88 -15.41
N TRP B 63 -18.59 -23.71 -15.72
CA TRP B 63 -18.59 -24.58 -16.88
C TRP B 63 -19.87 -24.36 -17.68
N ILE B 64 -19.69 -24.23 -19.00
CA ILE B 64 -20.75 -23.91 -19.97
C ILE B 64 -20.53 -24.76 -21.21
N ARG B 65 -21.55 -25.49 -21.66
CA ARG B 65 -21.34 -26.34 -22.83
C ARG B 65 -22.10 -25.82 -24.05
N GLN B 66 -21.78 -26.41 -25.19
CA GLN B 66 -22.35 -26.00 -26.48
C GLN B 66 -22.33 -27.22 -27.40
N PRO B 67 -23.48 -27.87 -27.61
CA PRO B 67 -23.54 -28.97 -28.57
C PRO B 67 -23.24 -28.47 -29.97
N PRO B 68 -22.85 -29.35 -30.89
CA PRO B 68 -22.59 -28.92 -32.26
C PRO B 68 -23.82 -28.26 -32.87
N GLY B 69 -23.59 -27.13 -33.52
CA GLY B 69 -24.64 -26.44 -34.24
C GLY B 69 -25.75 -25.85 -33.39
N LYS B 70 -25.52 -25.67 -32.09
CA LYS B 70 -26.51 -25.09 -31.20
C LYS B 70 -25.88 -24.00 -30.36
N GLY B 71 -26.69 -23.46 -29.44
CA GLY B 71 -26.26 -22.39 -28.57
C GLY B 71 -25.61 -22.89 -27.29
N LEU B 72 -25.49 -21.97 -26.34
CA LEU B 72 -24.78 -22.23 -25.09
C LEU B 72 -25.75 -22.70 -24.01
N GLN B 73 -25.24 -23.53 -23.10
CA GLN B 73 -25.99 -24.01 -21.96
C GLN B 73 -25.11 -23.94 -20.73
N TRP B 74 -25.52 -23.13 -19.75
CA TRP B 74 -24.76 -23.02 -18.51
C TRP B 74 -24.90 -24.29 -17.69
N ILE B 75 -23.77 -24.93 -17.39
CA ILE B 75 -23.79 -26.15 -16.59
C ILE B 75 -23.69 -25.83 -15.11
N GLY B 76 -22.68 -25.06 -14.71
CA GLY B 76 -22.53 -24.80 -13.29
C GLY B 76 -21.53 -23.70 -13.01
N SER B 77 -21.54 -23.23 -11.76
CA SER B 77 -20.60 -22.23 -11.32
C SER B 77 -20.20 -22.47 -9.86
N PHE B 78 -18.91 -22.28 -9.60
CA PHE B 78 -18.32 -22.38 -8.27
C PHE B 78 -18.03 -20.95 -7.84
N HIS B 79 -18.73 -20.49 -6.81
CA HIS B 79 -18.51 -19.16 -6.26
C HIS B 79 -17.29 -19.15 -5.35
N TYR B 80 -16.68 -17.97 -5.21
CA TYR B 80 -15.48 -17.86 -4.39
C TYR B 80 -15.76 -18.15 -2.92
N SER B 81 -17.02 -18.04 -2.48
CA SER B 81 -17.40 -18.33 -1.10
C SER B 81 -17.51 -19.82 -0.82
N GLY B 82 -17.37 -20.66 -1.84
CA GLY B 82 -17.53 -22.09 -1.70
C GLY B 82 -18.91 -22.59 -2.08
N THR B 83 -19.87 -21.69 -2.25
CA THR B 83 -21.18 -22.08 -2.76
C THR B 83 -21.06 -22.58 -4.19
N THR B 84 -21.80 -23.62 -4.52
CA THR B 84 -21.87 -24.12 -5.88
C THR B 84 -23.30 -23.96 -6.39
N TYR B 85 -23.45 -23.37 -7.57
CA TYR B 85 -24.75 -23.19 -8.21
C TYR B 85 -24.78 -24.10 -9.44
N TYR B 86 -25.74 -25.01 -9.50
CA TYR B 86 -25.84 -25.97 -10.58
C TYR B 86 -27.11 -25.74 -11.39
N ASN B 87 -27.05 -26.10 -12.67
CA ASN B 87 -28.24 -26.03 -13.50
C ASN B 87 -29.22 -27.11 -13.04
N PRO B 88 -30.49 -26.77 -12.77
CA PRO B 88 -31.40 -27.75 -12.19
C PRO B 88 -31.58 -29.01 -13.01
N SER B 89 -31.49 -28.94 -14.34
CA SER B 89 -31.66 -30.14 -15.15
C SER B 89 -30.46 -31.07 -15.08
N LEU B 90 -29.38 -30.66 -14.43
CA LEU B 90 -28.16 -31.47 -14.36
C LEU B 90 -27.63 -31.66 -12.94
N LYS B 91 -28.25 -31.06 -11.92
CA LYS B 91 -27.67 -31.04 -10.59
C LYS B 91 -27.36 -32.44 -10.07
N SER B 92 -28.19 -33.43 -10.42
CA SER B 92 -28.00 -34.78 -9.93
C SER B 92 -26.74 -35.46 -10.50
N ARG B 93 -26.12 -34.88 -11.54
CA ARG B 93 -24.98 -35.50 -12.18
C ARG B 93 -23.72 -34.65 -12.20
N VAL B 94 -23.80 -33.38 -11.78
CA VAL B 94 -22.73 -32.42 -11.97
C VAL B 94 -22.02 -32.19 -10.64
N THR B 95 -20.70 -32.27 -10.66
CA THR B 95 -19.88 -31.81 -9.55
C THR B 95 -18.81 -30.87 -10.08
N ILE B 96 -18.66 -29.72 -9.44
CA ILE B 96 -17.59 -28.78 -9.74
C ILE B 96 -16.77 -28.57 -8.47
N SER B 97 -15.45 -28.71 -8.60
CA SER B 97 -14.57 -28.60 -7.45
C SER B 97 -13.39 -27.70 -7.79
N VAL B 98 -12.73 -27.21 -6.75
CA VAL B 98 -11.52 -26.41 -6.88
C VAL B 98 -10.36 -27.15 -6.22
N ASP B 99 -9.30 -27.40 -6.99
CA ASP B 99 -8.05 -27.87 -6.44
C ASP B 99 -7.10 -26.67 -6.48
N THR B 100 -6.93 -26.04 -5.31
CA THR B 100 -6.02 -24.93 -5.16
C THR B 100 -4.56 -25.36 -5.10
N SER B 101 -4.31 -26.65 -4.86
CA SER B 101 -2.95 -27.18 -4.87
C SER B 101 -2.39 -27.33 -6.27
N LYS B 102 -3.21 -27.13 -7.31
CA LYS B 102 -2.75 -27.21 -8.69
C LYS B 102 -3.31 -26.07 -9.54
N ASN B 103 -3.93 -25.06 -8.95
CA ASN B 103 -4.65 -24.01 -9.66
C ASN B 103 -5.49 -24.56 -10.80
N HIS B 104 -6.45 -25.42 -10.44
CA HIS B 104 -7.42 -25.76 -11.46
C HIS B 104 -8.75 -26.09 -10.82
N PHE B 105 -9.82 -25.72 -11.49
CA PHE B 105 -11.13 -26.22 -11.09
C PHE B 105 -11.57 -27.27 -12.09
N SER B 106 -12.57 -28.06 -11.71
CA SER B 106 -12.82 -29.29 -12.43
C SER B 106 -14.31 -29.61 -12.43
N LEU B 107 -14.73 -30.30 -13.48
CA LEU B 107 -16.10 -30.75 -13.67
C LEU B 107 -16.13 -32.26 -13.79
N LYS B 108 -17.07 -32.88 -13.09
CA LYS B 108 -17.36 -34.30 -13.22
C LYS B 108 -18.85 -34.45 -13.52
N LEU B 109 -19.15 -34.94 -14.73
CA LEU B 109 -20.51 -35.19 -15.19
C LEU B 109 -20.68 -36.70 -15.31
N SER B 110 -21.49 -37.27 -14.43
CA SER B 110 -21.67 -38.71 -14.34
C SER B 110 -22.76 -39.18 -15.30
N SER B 111 -22.74 -40.49 -15.59
CA SER B 111 -23.83 -41.18 -16.28
C SER B 111 -24.16 -40.50 -17.61
N VAL B 112 -23.19 -40.53 -18.50
CA VAL B 112 -23.17 -39.71 -19.71
C VAL B 112 -23.91 -40.43 -20.84
N THR B 113 -24.68 -39.66 -21.62
CA THR B 113 -25.31 -40.12 -22.85
C THR B 113 -24.85 -39.25 -24.02
N ALA B 114 -25.31 -39.60 -25.21
CA ALA B 114 -24.87 -38.91 -26.43
C ALA B 114 -25.33 -37.46 -26.49
N ALA B 115 -26.38 -37.11 -25.73
CA ALA B 115 -26.80 -35.71 -25.67
C ALA B 115 -25.73 -34.83 -25.05
N ASP B 116 -24.90 -35.39 -24.17
CA ASP B 116 -23.84 -34.62 -23.53
C ASP B 116 -22.71 -34.25 -24.48
N THR B 117 -22.69 -34.83 -25.69
CA THR B 117 -21.65 -34.49 -26.66
C THR B 117 -21.68 -33.00 -26.98
N ALA B 118 -20.58 -32.31 -26.69
CA ALA B 118 -20.57 -30.86 -26.85
C ALA B 118 -19.15 -30.34 -26.71
N VAL B 119 -18.97 -29.08 -27.12
CA VAL B 119 -17.78 -28.33 -26.76
C VAL B 119 -18.01 -27.76 -25.36
N TYR B 120 -17.13 -28.11 -24.43
CA TYR B 120 -17.23 -27.65 -23.05
C TYR B 120 -16.23 -26.54 -22.82
N TYR B 121 -16.72 -25.42 -22.29
CA TYR B 121 -15.92 -24.27 -21.94
C TYR B 121 -15.85 -24.15 -20.43
N CYS B 122 -14.65 -23.89 -19.94
CA CYS B 122 -14.53 -23.30 -18.61
C CYS B 122 -14.44 -21.79 -18.78
N ALA B 123 -15.02 -21.07 -17.83
CA ALA B 123 -15.08 -19.63 -17.90
C ALA B 123 -14.98 -19.06 -16.50
N SER B 124 -14.75 -17.76 -16.42
CA SER B 124 -14.67 -17.08 -15.13
C SER B 124 -15.23 -15.67 -15.26
N ARG B 125 -15.53 -15.08 -14.10
CA ARG B 125 -15.97 -13.69 -14.00
C ARG B 125 -15.11 -13.02 -12.94
N GLN B 126 -14.09 -12.27 -13.37
CA GLN B 126 -13.20 -11.63 -12.42
C GLN B 126 -13.68 -10.26 -11.96
N ASN B 127 -14.42 -9.54 -12.80
CA ASN B 127 -14.49 -8.10 -12.63
C ASN B 127 -15.68 -7.60 -11.81
N TRP B 128 -16.74 -8.38 -11.57
CA TRP B 128 -17.80 -7.79 -10.76
C TRP B 128 -18.52 -8.61 -9.69
N ASN B 129 -18.41 -9.95 -9.64
CA ASN B 129 -19.24 -10.73 -8.70
C ASN B 129 -20.73 -10.61 -9.04
N ASP B 130 -21.07 -10.95 -10.27
CA ASP B 130 -22.44 -10.75 -10.69
C ASP B 130 -23.13 -11.97 -11.29
N GLY B 131 -22.42 -12.78 -12.08
CA GLY B 131 -23.07 -13.91 -12.72
C GLY B 131 -22.98 -13.90 -14.23
N TYR B 132 -22.15 -13.01 -14.77
CA TYR B 132 -21.79 -13.04 -16.18
C TYR B 132 -20.46 -13.80 -16.32
N PHE B 133 -19.87 -13.75 -17.51
CA PHE B 133 -18.60 -14.42 -17.77
C PHE B 133 -17.78 -13.54 -18.68
N ASP B 134 -16.58 -13.18 -18.23
CA ASP B 134 -15.72 -12.27 -18.97
C ASP B 134 -14.38 -12.87 -19.36
N TYR B 135 -13.88 -13.87 -18.65
CA TYR B 135 -12.75 -14.66 -19.10
C TYR B 135 -13.25 -16.04 -19.52
N TRP B 136 -12.74 -16.51 -20.65
CA TRP B 136 -13.15 -17.80 -21.20
C TRP B 136 -11.93 -18.62 -21.53
N GLY B 137 -12.05 -19.93 -21.36
CA GLY B 137 -11.10 -20.84 -21.92
C GLY B 137 -11.35 -20.99 -23.41
N GLN B 138 -10.64 -21.92 -24.02
CA GLN B 138 -10.91 -22.29 -25.40
C GLN B 138 -11.46 -23.71 -25.36
N GLY B 139 -12.74 -23.85 -25.71
CA GLY B 139 -13.48 -25.04 -25.36
C GLY B 139 -12.90 -26.31 -25.95
N THR B 140 -13.19 -27.42 -25.28
CA THR B 140 -12.74 -28.74 -25.68
C THR B 140 -13.91 -29.57 -26.19
N LEU B 141 -13.75 -30.17 -27.36
CA LEU B 141 -14.80 -31.06 -27.85
C LEU B 141 -14.78 -32.36 -27.07
N VAL B 142 -15.96 -32.77 -26.60
CA VAL B 142 -16.15 -34.06 -25.96
C VAL B 142 -17.25 -34.79 -26.71
N THR B 143 -16.90 -35.91 -27.32
CA THR B 143 -17.83 -36.76 -28.04
C THR B 143 -18.22 -37.93 -27.15
N VAL B 144 -19.47 -38.35 -27.25
CA VAL B 144 -19.99 -39.46 -26.47
C VAL B 144 -20.55 -40.52 -27.41
N SER B 145 -19.83 -41.62 -27.56
CA SER B 145 -20.34 -42.80 -28.25
C SER B 145 -19.51 -43.99 -27.80
N SER B 146 -20.00 -45.19 -28.13
CA SER B 146 -19.27 -46.41 -27.82
C SER B 146 -18.44 -46.90 -29.01
N ALA B 147 -18.29 -46.09 -30.06
CA ALA B 147 -17.33 -46.36 -31.12
C ALA B 147 -15.91 -46.12 -30.61
N SER B 148 -14.93 -46.57 -31.40
CA SER B 148 -13.62 -46.90 -30.84
C SER B 148 -12.46 -46.34 -31.66
N THR B 149 -12.50 -45.06 -32.02
CA THR B 149 -11.30 -44.28 -32.35
C THR B 149 -10.49 -44.91 -33.50
N LYS B 150 -11.07 -44.84 -34.70
CA LYS B 150 -10.33 -45.26 -35.89
C LYS B 150 -9.53 -44.10 -36.47
N GLY B 151 -8.30 -44.38 -36.90
CA GLY B 151 -7.48 -43.42 -37.60
C GLY B 151 -7.90 -43.26 -39.05
N PRO B 152 -7.48 -42.16 -39.68
CA PRO B 152 -7.97 -41.82 -41.02
C PRO B 152 -7.17 -42.49 -42.13
N SER B 153 -7.70 -42.35 -43.35
CA SER B 153 -6.99 -42.72 -44.57
C SER B 153 -7.00 -41.51 -45.50
N VAL B 154 -5.82 -41.12 -45.99
CA VAL B 154 -5.69 -39.95 -46.83
C VAL B 154 -5.50 -40.40 -48.27
N PHE B 155 -6.26 -39.80 -49.18
CA PHE B 155 -6.11 -40.09 -50.61
C PHE B 155 -6.01 -38.78 -51.38
N PRO B 156 -5.19 -38.73 -52.42
CA PRO B 156 -4.99 -37.45 -53.12
C PRO B 156 -6.14 -37.13 -54.06
N LEU B 157 -6.48 -35.85 -54.11
CA LEU B 157 -7.40 -35.29 -55.11
C LEU B 157 -6.50 -34.55 -56.08
N ALA B 158 -6.05 -35.26 -57.11
CA ALA B 158 -5.02 -34.80 -58.03
C ALA B 158 -5.57 -33.73 -58.97
N PRO B 159 -4.79 -32.68 -59.26
CA PRO B 159 -5.23 -31.71 -60.27
C PRO B 159 -5.37 -32.41 -61.63
N SER B 160 -6.59 -32.40 -62.15
CA SER B 160 -6.97 -33.21 -63.28
C SER B 160 -6.74 -32.47 -64.60
N SER B 161 -6.84 -33.23 -65.71
CA SER B 161 -6.66 -32.70 -67.05
C SER B 161 -7.89 -31.96 -67.58
N LYS B 162 -9.02 -32.06 -66.88
CA LYS B 162 -10.29 -31.50 -67.34
C LYS B 162 -10.70 -30.25 -66.56
N SER B 163 -9.77 -29.62 -65.85
CA SER B 163 -10.08 -28.36 -65.19
C SER B 163 -8.96 -27.33 -65.27
N THR B 164 -7.91 -27.55 -66.06
CA THR B 164 -6.84 -26.56 -66.24
C THR B 164 -7.03 -25.83 -67.57
N SER B 165 -8.09 -25.03 -67.62
CA SER B 165 -8.38 -24.13 -68.74
C SER B 165 -8.04 -22.70 -68.34
N GLY B 166 -6.75 -22.36 -68.38
CA GLY B 166 -6.34 -20.97 -68.20
C GLY B 166 -6.22 -20.41 -66.79
N GLY B 167 -5.30 -20.95 -66.00
CA GLY B 167 -4.73 -20.17 -64.90
C GLY B 167 -4.66 -20.73 -63.50
N THR B 168 -5.67 -21.49 -63.07
CA THR B 168 -5.70 -21.98 -61.70
C THR B 168 -6.19 -23.43 -61.70
N ALA B 169 -5.46 -24.28 -61.00
CA ALA B 169 -5.84 -25.66 -60.77
C ALA B 169 -6.31 -25.83 -59.33
N ALA B 170 -7.15 -26.84 -59.13
CA ALA B 170 -7.64 -27.19 -57.80
C ALA B 170 -7.17 -28.59 -57.45
N LEU B 171 -6.61 -28.75 -56.25
CA LEU B 171 -6.14 -30.05 -55.79
C LEU B 171 -6.47 -30.18 -54.31
N GLY B 172 -6.23 -31.35 -53.75
CA GLY B 172 -6.52 -31.51 -52.34
C GLY B 172 -6.25 -32.90 -51.82
N CYS B 173 -6.77 -33.14 -50.62
CA CYS B 173 -6.74 -34.47 -50.01
C CYS B 173 -8.13 -34.82 -49.50
N LEU B 174 -8.41 -36.11 -49.48
CA LEU B 174 -9.60 -36.66 -48.86
C LEU B 174 -9.16 -37.44 -47.63
N VAL B 175 -9.61 -37.00 -46.46
CA VAL B 175 -9.40 -37.70 -45.20
C VAL B 175 -10.68 -38.47 -44.91
N LYS B 176 -10.59 -39.80 -44.93
CA LYS B 176 -11.77 -40.65 -44.89
C LYS B 176 -11.66 -41.66 -43.76
N ASP B 177 -12.83 -42.04 -43.22
CA ASP B 177 -12.96 -43.17 -42.30
C ASP B 177 -12.11 -42.99 -41.05
N TYR B 178 -12.50 -41.98 -40.26
CA TYR B 178 -11.85 -41.74 -38.98
C TYR B 178 -12.91 -41.47 -37.91
N PHE B 179 -12.46 -41.42 -36.66
CA PHE B 179 -13.25 -41.17 -35.46
C PHE B 179 -12.33 -41.00 -34.26
N PRO B 180 -12.63 -40.11 -33.29
CA PRO B 180 -13.72 -39.12 -33.27
C PRO B 180 -13.37 -37.87 -34.07
N GLU B 181 -14.19 -36.82 -33.94
CA GLU B 181 -14.22 -35.74 -34.93
C GLU B 181 -12.91 -35.00 -35.14
N PRO B 182 -12.20 -34.51 -34.12
CA PRO B 182 -11.16 -33.50 -34.38
C PRO B 182 -10.04 -34.03 -35.27
N VAL B 183 -9.85 -33.37 -36.41
CA VAL B 183 -8.78 -33.68 -37.36
C VAL B 183 -8.15 -32.38 -37.83
N THR B 184 -6.82 -32.33 -37.84
CA THR B 184 -6.06 -31.16 -38.25
C THR B 184 -5.50 -31.38 -39.64
N VAL B 185 -5.73 -30.43 -40.54
CA VAL B 185 -5.16 -30.51 -41.89
C VAL B 185 -4.43 -29.21 -42.18
N SER B 186 -3.15 -29.33 -42.55
CA SER B 186 -2.37 -28.18 -43.00
C SER B 186 -1.75 -28.51 -44.34
N TRP B 187 -1.26 -27.47 -45.02
CA TRP B 187 -0.66 -27.62 -46.34
C TRP B 187 0.78 -27.13 -46.34
N ASN B 188 1.67 -27.95 -46.92
CA ASN B 188 3.10 -27.68 -46.96
C ASN B 188 3.62 -27.23 -45.60
N SER B 189 3.17 -27.92 -44.54
CA SER B 189 3.59 -27.65 -43.17
C SER B 189 3.33 -26.19 -42.78
N GLY B 190 2.22 -25.64 -43.25
CA GLY B 190 1.86 -24.27 -42.97
C GLY B 190 2.37 -23.25 -43.95
N ALA B 191 3.24 -23.64 -44.89
CA ALA B 191 3.73 -22.68 -45.87
C ALA B 191 2.61 -22.20 -46.78
N LEU B 192 1.67 -23.08 -47.12
CA LEU B 192 0.57 -22.74 -48.02
C LEU B 192 -0.70 -22.54 -47.18
N THR B 193 -1.16 -21.30 -47.10
CA THR B 193 -2.38 -20.96 -46.38
C THR B 193 -3.46 -20.41 -47.30
N SER B 194 -3.07 -19.52 -48.21
CA SER B 194 -4.05 -18.80 -49.02
C SER B 194 -4.80 -19.75 -49.94
N GLY B 195 -6.13 -19.57 -50.01
CA GLY B 195 -6.94 -20.34 -50.91
C GLY B 195 -7.23 -21.76 -50.49
N VAL B 196 -7.05 -22.08 -49.21
CA VAL B 196 -7.29 -23.41 -48.68
C VAL B 196 -8.67 -23.41 -48.04
N HIS B 197 -9.54 -24.31 -48.50
CA HIS B 197 -10.82 -24.58 -47.86
C HIS B 197 -10.78 -26.00 -47.30
N THR B 198 -10.86 -26.11 -45.98
CA THR B 198 -11.05 -27.40 -45.32
C THR B 198 -12.50 -27.48 -44.89
N PHE B 199 -13.25 -28.35 -45.53
CA PHE B 199 -14.68 -28.44 -45.33
C PHE B 199 -14.97 -29.14 -43.99
N PRO B 200 -16.08 -28.78 -43.35
CA PRO B 200 -16.50 -29.52 -42.16
C PRO B 200 -16.73 -30.99 -42.50
N ALA B 201 -16.34 -31.86 -41.57
CA ALA B 201 -16.49 -33.29 -41.81
C ALA B 201 -17.95 -33.70 -41.84
N VAL B 202 -18.28 -34.64 -42.72
CA VAL B 202 -19.58 -35.28 -42.75
C VAL B 202 -19.45 -36.63 -42.05
N LEU B 203 -20.58 -37.13 -41.55
CA LEU B 203 -20.61 -38.39 -40.83
C LEU B 203 -21.28 -39.43 -41.72
N GLN B 204 -20.59 -40.54 -41.97
CA GLN B 204 -21.04 -41.53 -42.92
C GLN B 204 -21.90 -42.58 -42.24
N SER B 205 -22.59 -43.37 -43.07
CA SER B 205 -23.46 -44.43 -42.56
C SER B 205 -22.70 -45.40 -41.67
N SER B 206 -21.41 -45.61 -41.95
CA SER B 206 -20.58 -46.50 -41.15
C SER B 206 -20.33 -45.98 -39.75
N GLY B 207 -20.74 -44.74 -39.46
CA GLY B 207 -20.38 -44.13 -38.20
C GLY B 207 -18.99 -43.54 -38.18
N LEU B 208 -18.38 -43.34 -39.34
CA LEU B 208 -17.07 -42.73 -39.45
C LEU B 208 -17.16 -41.42 -40.20
N TYR B 209 -16.28 -40.50 -39.87
CA TYR B 209 -16.26 -39.19 -40.49
C TYR B 209 -15.42 -39.21 -41.77
N SER B 210 -15.62 -38.17 -42.57
CA SER B 210 -14.82 -37.96 -43.77
C SER B 210 -14.95 -36.49 -44.17
N LEU B 211 -13.80 -35.83 -44.37
CA LEU B 211 -13.80 -34.48 -44.91
C LEU B 211 -12.73 -34.40 -45.99
N SER B 212 -12.86 -33.39 -46.84
CA SER B 212 -11.85 -33.10 -47.84
C SER B 212 -11.32 -31.70 -47.61
N SER B 213 -10.03 -31.51 -47.87
CA SER B 213 -9.41 -30.20 -47.82
C SER B 213 -8.81 -29.91 -49.18
N VAL B 214 -9.13 -28.75 -49.74
CA VAL B 214 -8.71 -28.41 -51.10
C VAL B 214 -7.99 -27.07 -51.08
N VAL B 215 -7.10 -26.90 -52.05
CA VAL B 215 -6.39 -25.65 -52.29
C VAL B 215 -6.34 -25.40 -53.79
N THR B 216 -6.52 -24.15 -54.18
CA THR B 216 -6.35 -23.73 -55.57
C THR B 216 -5.01 -23.03 -55.73
N VAL B 217 -4.29 -23.39 -56.78
CA VAL B 217 -2.92 -22.93 -56.99
C VAL B 217 -2.75 -22.51 -58.44
N PRO B 218 -1.72 -21.72 -58.74
CA PRO B 218 -1.38 -21.45 -60.14
C PRO B 218 -1.10 -22.75 -60.88
N SER B 219 -1.85 -22.97 -61.97
CA SER B 219 -1.61 -24.14 -62.80
C SER B 219 -0.22 -24.10 -63.42
N SER B 220 0.36 -22.90 -63.54
CA SER B 220 1.71 -22.70 -64.07
C SER B 220 2.81 -23.29 -63.20
N SER B 221 2.47 -23.97 -62.09
CA SER B 221 3.48 -24.44 -61.15
C SER B 221 3.25 -25.89 -60.73
N LEU B 222 2.44 -26.65 -61.48
CA LEU B 222 2.06 -27.98 -61.03
C LEU B 222 3.25 -28.95 -61.09
N GLY B 223 4.06 -28.88 -62.14
CA GLY B 223 5.19 -29.77 -62.26
C GLY B 223 6.43 -29.36 -61.48
N THR B 224 6.37 -28.24 -60.76
CA THR B 224 7.55 -27.72 -60.08
C THR B 224 7.35 -27.43 -58.60
N GLN B 225 6.12 -27.34 -58.12
CA GLN B 225 5.86 -27.08 -56.71
C GLN B 225 5.37 -28.37 -56.05
N THR B 226 6.05 -28.78 -54.99
CA THR B 226 5.60 -29.94 -54.22
C THR B 226 4.49 -29.51 -53.27
N TYR B 227 3.38 -30.25 -53.32
CA TYR B 227 2.21 -29.97 -52.49
C TYR B 227 1.98 -31.18 -51.59
N ILE B 228 1.99 -30.95 -50.28
CA ILE B 228 1.82 -32.03 -49.31
C ILE B 228 0.74 -31.65 -48.31
N CYS B 229 -0.20 -32.57 -48.09
CA CYS B 229 -1.12 -32.52 -46.98
C CYS B 229 -0.44 -33.03 -45.73
N ASN B 230 -0.70 -32.35 -44.61
CA ASN B 230 -0.25 -32.75 -43.29
C ASN B 230 -1.53 -32.97 -42.48
N VAL B 231 -1.98 -34.22 -42.44
CA VAL B 231 -3.20 -34.61 -41.73
C VAL B 231 -2.79 -35.14 -40.37
N ASN B 232 -3.59 -34.84 -39.35
CA ASN B 232 -3.16 -34.99 -37.97
C ASN B 232 -4.39 -35.32 -37.12
N HIS B 233 -4.58 -36.61 -36.84
CA HIS B 233 -5.71 -37.11 -36.05
C HIS B 233 -5.14 -37.56 -34.70
N LYS B 234 -5.22 -36.66 -33.72
CA LYS B 234 -4.64 -36.91 -32.41
C LYS B 234 -5.23 -38.11 -31.68
N PRO B 235 -6.56 -38.32 -31.62
CA PRO B 235 -7.07 -39.45 -30.82
C PRO B 235 -6.50 -40.79 -31.23
N SER B 236 -6.20 -41.00 -32.51
CA SER B 236 -5.53 -42.20 -32.98
C SER B 236 -4.02 -42.01 -33.09
N ASN B 237 -3.50 -40.84 -32.70
CA ASN B 237 -2.08 -40.53 -32.77
C ASN B 237 -1.54 -40.75 -34.18
N THR B 238 -2.36 -40.41 -35.17
CA THR B 238 -2.04 -40.65 -36.57
C THR B 238 -1.73 -39.34 -37.26
N LYS B 239 -0.45 -39.10 -37.55
CA LYS B 239 -0.08 -38.00 -38.44
C LYS B 239 0.42 -38.58 -39.75
N VAL B 240 -0.11 -38.07 -40.85
CA VAL B 240 0.15 -38.57 -42.19
C VAL B 240 0.52 -37.41 -43.08
N ASP B 241 1.50 -37.61 -43.95
CA ASP B 241 1.84 -36.68 -45.00
C ASP B 241 1.52 -37.31 -46.36
N LYS B 242 0.88 -36.52 -47.22
CA LYS B 242 0.48 -37.00 -48.54
C LYS B 242 0.96 -36.02 -49.61
N ARG B 243 1.59 -36.55 -50.65
CA ARG B 243 2.04 -35.73 -51.77
C ARG B 243 1.08 -35.92 -52.94
N VAL B 244 0.51 -34.83 -53.41
CA VAL B 244 -0.54 -34.87 -54.44
C VAL B 244 0.10 -34.56 -55.78
N GLU B 245 -0.06 -35.44 -56.74
CA GLU B 245 0.61 -35.34 -58.03
C GLU B 245 -0.37 -35.43 -59.18
N PRO B 246 -0.05 -34.81 -60.32
CA PRO B 246 -0.99 -34.78 -61.45
C PRO B 246 -1.37 -36.16 -61.97
N LYS B 247 -2.36 -36.15 -62.85
CA LYS B 247 -3.27 -37.25 -63.15
C LYS B 247 -2.64 -38.25 -64.14
N SER B 248 -3.28 -39.42 -64.29
CA SER B 248 -2.86 -40.37 -65.31
C SER B 248 -3.98 -40.94 -66.20
N CYS B 249 -5.23 -41.05 -65.75
CA CYS B 249 -6.19 -41.79 -66.58
C CYS B 249 -6.66 -41.01 -67.80
N ASP B 250 -6.28 -39.74 -67.92
CA ASP B 250 -6.30 -39.01 -69.18
C ASP B 250 -4.89 -38.63 -69.63
N LYS B 251 -3.87 -39.32 -69.11
CA LYS B 251 -2.47 -39.04 -69.39
C LYS B 251 -1.78 -40.30 -69.90
N THR B 252 -0.76 -40.10 -70.73
CA THR B 252 0.06 -41.20 -71.21
C THR B 252 1.05 -41.62 -70.12
N HIS B 253 1.11 -42.93 -69.85
CA HIS B 253 2.09 -43.48 -68.92
C HIS B 253 3.51 -43.23 -69.40
N ASP C 22 -38.64 -20.20 -15.00
CA ASP C 22 -37.36 -20.64 -15.55
C ASP C 22 -37.09 -19.86 -16.83
N ILE C 23 -36.20 -18.87 -16.75
CA ILE C 23 -36.13 -17.80 -17.74
C ILE C 23 -35.89 -18.40 -19.12
N GLN C 24 -36.65 -17.94 -20.11
CA GLN C 24 -36.51 -18.37 -21.49
C GLN C 24 -36.10 -17.18 -22.33
N MET C 25 -35.04 -17.33 -23.13
CA MET C 25 -34.48 -16.21 -23.89
C MET C 25 -34.68 -16.46 -25.38
N THR C 26 -35.26 -15.47 -26.06
CA THR C 26 -35.54 -15.55 -27.49
C THR C 26 -34.85 -14.39 -28.19
N GLN C 27 -33.98 -14.70 -29.15
CA GLN C 27 -33.33 -13.67 -29.94
C GLN C 27 -33.98 -13.55 -31.32
N SER C 28 -33.76 -12.39 -31.94
CA SER C 28 -34.40 -12.06 -33.20
C SER C 28 -33.61 -11.00 -33.93
N PRO C 29 -33.43 -11.10 -35.25
CA PRO C 29 -33.85 -12.20 -36.14
C PRO C 29 -32.90 -13.38 -36.02
N ALA C 30 -33.23 -14.53 -36.62
CA ALA C 30 -32.30 -15.65 -36.63
C ALA C 30 -31.06 -15.33 -37.46
N THR C 31 -31.25 -14.84 -38.68
CA THR C 31 -30.16 -14.40 -39.54
C THR C 31 -30.35 -12.94 -39.88
N LEU C 32 -29.28 -12.15 -39.75
CA LEU C 32 -29.27 -10.77 -40.20
C LEU C 32 -28.07 -10.63 -41.12
N SER C 33 -28.34 -10.59 -42.42
CA SER C 33 -27.30 -10.53 -43.44
C SER C 33 -27.17 -9.08 -43.91
N LEU C 34 -26.04 -8.45 -43.60
CA LEU C 34 -25.84 -7.05 -43.89
C LEU C 34 -24.45 -6.82 -44.46
N SER C 35 -24.26 -5.63 -45.08
CA SER C 35 -23.01 -5.17 -45.65
C SER C 35 -22.23 -4.33 -44.64
N PRO C 36 -20.90 -4.25 -44.77
CA PRO C 36 -20.11 -3.51 -43.80
C PRO C 36 -20.44 -2.02 -43.80
N GLY C 37 -20.14 -1.37 -42.67
CA GLY C 37 -20.41 0.03 -42.48
C GLY C 37 -21.84 0.36 -42.13
N GLU C 38 -22.74 -0.61 -42.22
CA GLU C 38 -24.14 -0.38 -41.91
C GLU C 38 -24.40 -0.49 -40.41
N ARG C 39 -25.48 0.16 -39.99
CA ARG C 39 -25.99 0.00 -38.63
C ARG C 39 -26.73 -1.33 -38.51
N ALA C 40 -26.45 -2.07 -37.45
CA ALA C 40 -27.10 -3.36 -37.22
C ALA C 40 -27.79 -3.36 -35.87
N THR C 41 -28.96 -3.98 -35.81
CA THR C 41 -29.76 -4.01 -34.60
C THR C 41 -30.26 -5.42 -34.35
N LEU C 42 -30.13 -5.87 -33.10
CA LEU C 42 -30.42 -7.23 -32.68
C LEU C 42 -31.33 -7.18 -31.45
N PHE C 43 -32.22 -8.16 -31.32
CA PHE C 43 -33.27 -8.12 -30.30
C PHE C 43 -33.19 -9.35 -29.42
N CYS C 44 -33.38 -9.15 -28.11
CA CYS C 44 -33.43 -10.23 -27.14
C CYS C 44 -34.62 -10.02 -26.21
N ARG C 45 -35.36 -11.10 -25.93
CA ARG C 45 -36.56 -11.01 -25.11
C ARG C 45 -36.58 -12.17 -24.12
N ALA C 46 -36.83 -11.84 -22.86
CA ALA C 46 -36.92 -12.83 -21.80
C ALA C 46 -38.38 -13.17 -21.52
N SER C 47 -38.61 -14.41 -21.07
CA SER C 47 -39.96 -14.87 -20.79
C SER C 47 -40.58 -14.17 -19.58
N GLN C 48 -39.79 -13.37 -18.86
CA GLN C 48 -40.28 -12.63 -17.71
C GLN C 48 -39.24 -11.58 -17.34
N SER C 49 -39.66 -10.60 -16.55
CA SER C 49 -38.81 -9.45 -16.28
C SER C 49 -37.54 -9.88 -15.58
N VAL C 50 -36.39 -9.49 -16.15
CA VAL C 50 -35.09 -9.79 -15.57
C VAL C 50 -34.38 -8.47 -15.31
N SER C 51 -35.17 -7.42 -15.10
CA SER C 51 -34.68 -6.06 -14.83
C SER C 51 -33.78 -5.65 -15.99
N SER C 52 -32.56 -5.19 -15.75
CA SER C 52 -31.60 -4.94 -16.81
C SER C 52 -30.46 -5.94 -16.76
N SER C 53 -30.68 -7.10 -16.13
CA SER C 53 -29.61 -8.05 -15.88
C SER C 53 -29.39 -8.93 -17.11
N LEU C 54 -28.90 -8.27 -18.16
CA LEU C 54 -28.68 -8.91 -19.45
C LEU C 54 -27.25 -8.67 -19.89
N ALA C 55 -26.72 -9.60 -20.68
CA ALA C 55 -25.40 -9.45 -21.29
C ALA C 55 -25.47 -9.92 -22.73
N TRP C 56 -24.58 -9.37 -23.55
CA TRP C 56 -24.44 -9.74 -24.95
C TRP C 56 -23.02 -10.24 -25.18
N TYR C 57 -22.93 -11.44 -25.75
CA TYR C 57 -21.68 -12.10 -26.09
C TYR C 57 -21.54 -12.22 -27.60
N GLN C 58 -20.32 -12.00 -28.09
CA GLN C 58 -19.94 -12.26 -29.46
C GLN C 58 -19.20 -13.59 -29.52
N GLN C 59 -19.51 -14.40 -30.53
CA GLN C 59 -18.75 -15.62 -30.80
C GLN C 59 -18.53 -15.73 -32.30
N LYS C 60 -17.27 -15.66 -32.70
CA LYS C 60 -16.85 -15.92 -34.07
C LYS C 60 -16.70 -17.42 -34.27
N PRO C 61 -16.86 -17.92 -35.50
CA PRO C 61 -16.80 -19.38 -35.72
C PRO C 61 -15.52 -19.99 -35.19
N GLY C 62 -15.68 -21.08 -34.43
CA GLY C 62 -14.56 -21.85 -33.93
C GLY C 62 -13.89 -21.30 -32.69
N GLN C 63 -14.43 -20.26 -32.08
CA GLN C 63 -13.80 -19.56 -30.98
C GLN C 63 -14.68 -19.64 -29.74
N ALA C 64 -14.23 -18.95 -28.68
CA ALA C 64 -15.00 -18.77 -27.47
C ALA C 64 -15.89 -17.54 -27.56
N PRO C 65 -17.00 -17.51 -26.83
CA PRO C 65 -17.78 -16.28 -26.74
C PRO C 65 -16.97 -15.17 -26.09
N ARG C 66 -17.19 -13.95 -26.57
CA ARG C 66 -16.50 -12.77 -26.08
C ARG C 66 -17.54 -11.80 -25.52
N LEU C 67 -17.32 -11.33 -24.30
CA LEU C 67 -18.31 -10.49 -23.61
C LEU C 67 -18.30 -9.09 -24.22
N LEU C 68 -19.45 -8.68 -24.75
CA LEU C 68 -19.58 -7.34 -25.34
C LEU C 68 -20.26 -6.37 -24.38
N ILE C 69 -21.48 -6.70 -23.96
CA ILE C 69 -22.29 -5.79 -23.15
C ILE C 69 -22.75 -6.55 -21.92
N TYR C 70 -22.93 -5.83 -20.81
CA TYR C 70 -23.47 -6.47 -19.62
C TYR C 70 -24.30 -5.47 -18.84
N ASP C 71 -25.19 -5.99 -17.99
CA ASP C 71 -26.24 -5.22 -17.34
C ASP C 71 -27.02 -4.39 -18.37
N ALA C 72 -27.12 -4.94 -19.58
CA ALA C 72 -27.97 -4.48 -20.68
C ALA C 72 -27.49 -3.20 -21.34
N SER C 73 -26.56 -2.49 -20.70
CA SER C 73 -26.00 -1.27 -21.31
C SER C 73 -24.50 -1.09 -21.12
N ASN C 74 -23.89 -1.67 -20.09
CA ASN C 74 -22.48 -1.42 -19.83
C ASN C 74 -21.62 -2.18 -20.83
N ARG C 75 -20.53 -1.55 -21.25
CA ARG C 75 -19.63 -2.13 -22.25
C ARG C 75 -18.44 -2.75 -21.54
N ALA C 76 -18.06 -3.95 -21.98
CA ALA C 76 -16.95 -4.64 -21.34
C ALA C 76 -15.63 -3.93 -21.65
N THR C 77 -14.59 -4.32 -20.92
CA THR C 77 -13.28 -3.70 -21.07
C THR C 77 -12.77 -3.85 -22.50
N GLY C 78 -12.47 -2.72 -23.14
CA GLY C 78 -11.88 -2.72 -24.46
C GLY C 78 -12.82 -2.99 -25.61
N ILE C 79 -14.12 -3.15 -25.33
CA ILE C 79 -15.07 -3.33 -26.44
C ILE C 79 -15.22 -2.01 -27.18
N PRO C 80 -15.26 -2.00 -28.51
CA PRO C 80 -15.36 -0.74 -29.25
C PRO C 80 -16.63 0.04 -28.90
N ALA C 81 -16.52 1.36 -28.94
CA ALA C 81 -17.61 2.25 -28.57
C ALA C 81 -18.82 2.17 -29.52
N ARG C 82 -18.66 1.58 -30.70
CA ARG C 82 -19.78 1.45 -31.62
C ARG C 82 -20.81 0.44 -31.14
N PHE C 83 -20.42 -0.49 -30.27
CA PHE C 83 -21.36 -1.40 -29.64
C PHE C 83 -22.12 -0.68 -28.54
N SER C 84 -23.43 -0.86 -28.49
CA SER C 84 -24.17 -0.33 -27.35
C SER C 84 -25.43 -1.15 -27.12
N GLY C 85 -25.81 -1.30 -25.86
CA GLY C 85 -26.99 -2.04 -25.49
C GLY C 85 -28.01 -1.13 -24.80
N SER C 86 -29.28 -1.47 -24.96
CA SER C 86 -30.36 -0.69 -24.38
C SER C 86 -31.51 -1.62 -24.07
N GLY C 87 -32.43 -1.12 -23.25
CA GLY C 87 -33.63 -1.85 -22.90
C GLY C 87 -33.65 -2.22 -21.43
N SER C 88 -34.84 -2.67 -21.01
CA SER C 88 -35.07 -3.08 -19.63
C SER C 88 -36.25 -4.04 -19.63
N GLY C 89 -36.71 -4.38 -18.43
CA GLY C 89 -37.84 -5.27 -18.29
C GLY C 89 -37.58 -6.60 -18.98
N THR C 90 -38.22 -6.77 -20.14
CA THR C 90 -38.11 -7.99 -20.92
C THR C 90 -37.59 -7.78 -22.34
N ASP C 91 -37.36 -6.55 -22.78
CA ASP C 91 -37.11 -6.31 -24.19
C ASP C 91 -35.82 -5.50 -24.35
N PHE C 92 -34.85 -6.06 -25.08
CA PHE C 92 -33.50 -5.53 -25.11
C PHE C 92 -32.99 -5.45 -26.54
N THR C 93 -32.17 -4.43 -26.78
CA THR C 93 -31.62 -4.12 -28.09
C THR C 93 -30.09 -4.07 -28.00
N LEU C 94 -29.43 -4.70 -28.95
CA LEU C 94 -28.01 -4.52 -29.20
C LEU C 94 -27.85 -3.77 -30.52
N THR C 95 -27.01 -2.75 -30.54
CA THR C 95 -26.83 -1.96 -31.74
C THR C 95 -25.34 -1.83 -32.02
N ILE C 96 -24.97 -2.10 -33.27
CA ILE C 96 -23.62 -1.88 -33.78
C ILE C 96 -23.71 -0.72 -34.75
N SER C 97 -23.00 0.37 -34.42
CA SER C 97 -23.18 1.65 -35.11
C SER C 97 -22.84 1.54 -36.59
N SER C 98 -21.66 1.00 -36.89
CA SER C 98 -21.20 0.88 -38.27
C SER C 98 -20.37 -0.40 -38.34
N LEU C 99 -20.94 -1.42 -39.00
CA LEU C 99 -20.33 -2.74 -38.97
C LEU C 99 -18.92 -2.73 -39.56
N GLU C 100 -18.01 -3.41 -38.87
CA GLU C 100 -16.68 -3.71 -39.33
C GLU C 100 -16.60 -5.17 -39.73
N PRO C 101 -15.63 -5.56 -40.56
CA PRO C 101 -15.48 -6.99 -40.89
C PRO C 101 -15.30 -7.86 -39.66
N GLU C 102 -14.70 -7.33 -38.60
CA GLU C 102 -14.61 -8.04 -37.33
C GLU C 102 -16.00 -8.42 -36.82
N ASP C 103 -16.97 -7.52 -36.96
CA ASP C 103 -18.24 -7.61 -36.27
C ASP C 103 -19.16 -8.70 -36.79
N PHE C 104 -18.79 -9.40 -37.86
CA PHE C 104 -19.65 -10.44 -38.42
C PHE C 104 -19.38 -11.75 -37.70
N ALA C 105 -20.30 -12.11 -36.80
CA ALA C 105 -20.20 -13.31 -35.98
C ALA C 105 -21.59 -13.61 -35.43
N VAL C 106 -21.68 -14.57 -34.52
CA VAL C 106 -22.96 -14.95 -33.93
C VAL C 106 -23.06 -14.33 -32.54
N TYR C 107 -24.17 -13.65 -32.29
CA TYR C 107 -24.34 -12.89 -31.05
C TYR C 107 -25.40 -13.56 -30.18
N TYR C 108 -25.04 -13.87 -28.94
CA TYR C 108 -25.95 -14.46 -27.98
C TYR C 108 -26.28 -13.43 -26.90
N CYS C 109 -27.47 -13.56 -26.31
CA CYS C 109 -27.83 -12.79 -25.13
C CYS C 109 -28.00 -13.73 -23.95
N GLN C 110 -27.61 -13.25 -22.77
CA GLN C 110 -27.65 -14.00 -21.51
C GLN C 110 -28.40 -13.22 -20.46
N GLN C 111 -29.13 -13.94 -19.63
CA GLN C 111 -29.83 -13.41 -18.47
C GLN C 111 -29.09 -13.78 -17.19
N ARG C 112 -29.10 -12.86 -16.22
CA ARG C 112 -28.75 -13.19 -14.84
C ARG C 112 -29.79 -12.67 -13.85
N GLY C 113 -30.92 -12.15 -14.34
CA GLY C 113 -31.88 -11.52 -13.45
C GLY C 113 -32.42 -12.44 -12.39
N ASN C 114 -32.47 -13.74 -12.67
CA ASN C 114 -32.99 -14.71 -11.71
C ASN C 114 -32.35 -16.05 -12.07
N TRP C 115 -31.32 -16.43 -11.32
CA TRP C 115 -30.56 -17.64 -11.60
C TRP C 115 -30.08 -18.25 -10.30
N PRO C 116 -29.73 -19.54 -10.31
CA PRO C 116 -29.69 -20.50 -11.43
C PRO C 116 -31.07 -21.01 -11.86
N PRO C 117 -31.20 -21.52 -13.10
CA PRO C 117 -30.14 -21.66 -14.12
C PRO C 117 -29.86 -20.37 -14.89
N ILE C 118 -28.59 -20.07 -15.15
CA ILE C 118 -28.27 -19.05 -16.14
C ILE C 118 -28.68 -19.55 -17.51
N THR C 119 -29.40 -18.73 -18.27
CA THR C 119 -29.92 -19.14 -19.56
C THR C 119 -29.48 -18.18 -20.65
N PHE C 120 -29.31 -18.71 -21.85
CA PHE C 120 -28.88 -17.94 -23.00
C PHE C 120 -29.99 -17.90 -24.06
N GLY C 121 -29.78 -17.05 -25.06
CA GLY C 121 -30.58 -17.10 -26.27
C GLY C 121 -29.97 -18.04 -27.29
N GLN C 122 -30.70 -18.25 -28.38
CA GLN C 122 -30.23 -19.17 -29.42
C GLN C 122 -29.28 -18.52 -30.41
N GLY C 123 -29.15 -17.20 -30.37
CA GLY C 123 -28.17 -16.52 -31.17
C GLY C 123 -28.77 -15.81 -32.38
N THR C 124 -27.99 -14.88 -32.94
CA THR C 124 -28.29 -14.24 -34.20
C THR C 124 -27.02 -14.25 -35.04
N ARG C 125 -27.14 -14.67 -36.30
CA ARG C 125 -25.99 -14.83 -37.17
C ARG C 125 -25.88 -13.61 -38.07
N LEU C 126 -24.80 -12.86 -37.90
CA LEU C 126 -24.59 -11.60 -38.60
C LEU C 126 -23.76 -11.90 -39.84
N ASP C 127 -24.43 -12.26 -40.92
CA ASP C 127 -23.77 -12.63 -42.16
C ASP C 127 -23.44 -11.39 -42.99
N THR C 128 -22.38 -11.50 -43.80
CA THR C 128 -21.93 -10.38 -44.61
C THR C 128 -22.60 -10.43 -45.97
N LYS C 129 -23.38 -9.40 -46.29
CA LYS C 129 -23.99 -9.30 -47.61
C LYS C 129 -22.94 -8.92 -48.64
N ARG C 130 -23.15 -9.37 -49.88
CA ARG C 130 -22.28 -9.03 -51.00
C ARG C 130 -23.03 -9.33 -52.29
N THR C 131 -22.33 -9.18 -53.40
CA THR C 131 -22.91 -9.45 -54.71
C THR C 131 -22.78 -10.93 -55.05
N VAL C 132 -23.48 -11.33 -56.12
CA VAL C 132 -23.54 -12.74 -56.50
C VAL C 132 -22.20 -13.18 -57.07
N ALA C 133 -21.75 -14.36 -56.68
CA ALA C 133 -20.55 -14.98 -57.24
C ALA C 133 -20.90 -16.41 -57.63
N ALA C 134 -20.72 -16.75 -58.91
CA ALA C 134 -20.97 -18.10 -59.36
C ALA C 134 -19.79 -19.00 -59.02
N PRO C 135 -20.04 -20.23 -58.59
CA PRO C 135 -18.94 -21.09 -58.13
C PRO C 135 -18.04 -21.50 -59.29
N SER C 136 -16.75 -21.63 -59.01
CA SER C 136 -15.88 -22.35 -59.92
C SER C 136 -15.96 -23.84 -59.57
N VAL C 137 -16.23 -24.67 -60.56
CA VAL C 137 -16.59 -26.06 -60.33
C VAL C 137 -15.48 -26.97 -60.81
N PHE C 138 -15.05 -27.89 -59.95
CA PHE C 138 -14.03 -28.87 -60.29
C PHE C 138 -14.54 -30.25 -59.91
N ILE C 139 -14.05 -31.28 -60.60
CA ILE C 139 -14.46 -32.64 -60.30
C ILE C 139 -13.21 -33.52 -60.19
N PHE C 140 -13.14 -34.33 -59.14
CA PHE C 140 -12.03 -35.23 -58.90
C PHE C 140 -12.52 -36.66 -58.97
N PRO C 141 -11.96 -37.46 -59.88
CA PRO C 141 -12.25 -38.89 -59.92
C PRO C 141 -11.63 -39.61 -58.74
N PRO C 142 -12.00 -40.87 -58.50
CA PRO C 142 -11.47 -41.59 -57.34
C PRO C 142 -9.96 -41.77 -57.44
N SER C 143 -9.33 -41.86 -56.27
CA SER C 143 -7.93 -42.21 -56.21
C SER C 143 -7.72 -43.67 -56.59
N ASP C 144 -6.67 -43.93 -57.37
CA ASP C 144 -6.25 -45.31 -57.61
C ASP C 144 -5.86 -45.99 -56.30
N GLU C 145 -5.13 -45.26 -55.45
CA GLU C 145 -4.79 -45.75 -54.12
C GLU C 145 -6.03 -46.13 -53.34
N GLN C 146 -7.12 -45.38 -53.50
CA GLN C 146 -8.36 -45.75 -52.83
C GLN C 146 -9.00 -46.95 -53.50
N LEU C 147 -8.94 -47.03 -54.82
CA LEU C 147 -9.61 -48.11 -55.52
C LEU C 147 -8.94 -49.47 -55.33
N LYS C 148 -7.67 -49.50 -54.91
CA LYS C 148 -7.15 -50.81 -54.53
C LYS C 148 -7.90 -51.40 -53.34
N SER C 149 -8.62 -50.56 -52.60
CA SER C 149 -9.18 -50.92 -51.30
C SER C 149 -10.67 -51.24 -51.33
N GLY C 150 -11.36 -50.97 -52.43
CA GLY C 150 -12.67 -51.57 -52.66
C GLY C 150 -13.86 -50.63 -52.82
N THR C 151 -13.71 -49.32 -52.60
CA THR C 151 -14.82 -48.39 -52.79
C THR C 151 -14.33 -47.14 -53.50
N ALA C 152 -15.25 -46.46 -54.18
CA ALA C 152 -14.95 -45.28 -54.96
C ALA C 152 -15.63 -44.06 -54.37
N SER C 153 -14.86 -42.98 -54.22
CA SER C 153 -15.35 -41.68 -53.81
C SER C 153 -15.00 -40.67 -54.89
N VAL C 154 -16.01 -40.07 -55.49
CA VAL C 154 -15.85 -39.03 -56.50
C VAL C 154 -16.27 -37.71 -55.87
N VAL C 155 -15.40 -36.71 -55.92
CA VAL C 155 -15.74 -35.49 -55.22
C VAL C 155 -15.93 -34.35 -56.21
N CYS C 156 -16.80 -33.41 -55.84
CA CYS C 156 -17.09 -32.24 -56.65
C CYS C 156 -16.93 -31.00 -55.78
N LEU C 157 -16.13 -30.06 -56.26
CA LEU C 157 -15.79 -28.84 -55.54
C LEU C 157 -16.51 -27.66 -56.17
N LEU C 158 -17.42 -27.05 -55.42
CA LEU C 158 -17.99 -25.75 -55.78
C LEU C 158 -17.22 -24.72 -54.96
N ASN C 159 -16.56 -23.78 -55.64
CA ASN C 159 -15.56 -22.99 -54.95
C ASN C 159 -15.87 -21.50 -55.09
N ASN C 160 -15.94 -20.82 -53.95
CA ASN C 160 -16.05 -19.36 -53.82
C ASN C 160 -17.28 -18.83 -54.55
N PHE C 161 -18.45 -19.20 -54.04
CA PHE C 161 -19.71 -18.74 -54.59
C PHE C 161 -20.54 -18.01 -53.53
N TYR C 162 -21.48 -17.22 -54.02
CA TYR C 162 -22.45 -16.49 -53.22
C TYR C 162 -23.67 -16.25 -54.09
N PRO C 163 -24.89 -16.40 -53.56
CA PRO C 163 -25.26 -16.73 -52.17
C PRO C 163 -24.98 -18.18 -51.78
N ARG C 164 -25.46 -18.59 -50.61
CA ARG C 164 -25.02 -19.85 -50.02
C ARG C 164 -25.63 -21.07 -50.71
N GLU C 165 -26.89 -20.98 -51.12
CA GLU C 165 -27.56 -22.18 -51.62
C GLU C 165 -27.15 -22.47 -53.07
N ALA C 166 -26.78 -23.71 -53.31
CA ALA C 166 -26.51 -24.22 -54.65
C ALA C 166 -27.03 -25.65 -54.72
N LYS C 167 -27.24 -26.14 -55.94
CA LYS C 167 -27.70 -27.49 -56.15
C LYS C 167 -26.65 -28.30 -56.89
N VAL C 168 -26.36 -29.50 -56.37
CA VAL C 168 -25.43 -30.45 -56.98
C VAL C 168 -26.21 -31.70 -57.33
N GLN C 169 -26.10 -32.14 -58.58
CA GLN C 169 -26.67 -33.41 -59.00
C GLN C 169 -25.59 -34.27 -59.64
N TRP C 170 -25.41 -35.47 -59.09
CA TRP C 170 -24.50 -36.43 -59.70
C TRP C 170 -25.26 -37.23 -60.75
N LYS C 171 -24.70 -37.30 -61.95
CA LYS C 171 -25.23 -38.17 -63.01
C LYS C 171 -24.16 -39.16 -63.42
N VAL C 172 -24.55 -40.43 -63.52
CA VAL C 172 -23.65 -41.50 -63.93
C VAL C 172 -24.21 -42.09 -65.21
N ASP C 173 -23.56 -41.82 -66.33
CA ASP C 173 -24.08 -42.15 -67.66
C ASP C 173 -25.49 -41.59 -67.83
N ASN C 174 -25.63 -40.31 -67.47
CA ASN C 174 -26.90 -39.56 -67.57
C ASN C 174 -28.00 -40.17 -66.71
N ALA C 175 -27.62 -40.87 -65.64
CA ALA C 175 -28.58 -41.37 -64.65
C ALA C 175 -28.45 -40.51 -63.39
N LEU C 176 -29.49 -39.74 -63.09
CA LEU C 176 -29.48 -38.97 -61.85
C LEU C 176 -29.36 -39.91 -60.66
N GLN C 177 -28.42 -39.61 -59.77
CA GLN C 177 -28.20 -40.42 -58.58
C GLN C 177 -29.06 -39.89 -57.43
N SER C 178 -29.16 -40.69 -56.38
CA SER C 178 -29.86 -40.27 -55.17
C SER C 178 -29.47 -41.19 -54.03
N GLY C 179 -29.38 -40.62 -52.83
CA GLY C 179 -29.15 -41.38 -51.62
C GLY C 179 -27.72 -41.81 -51.37
N ASN C 180 -26.78 -41.41 -52.22
CA ASN C 180 -25.40 -41.89 -52.15
C ASN C 180 -24.38 -40.75 -52.21
N SER C 181 -24.78 -39.52 -51.90
CA SER C 181 -23.85 -38.39 -51.87
C SER C 181 -24.09 -37.56 -50.63
N GLN C 182 -23.00 -37.07 -50.03
CA GLN C 182 -23.05 -36.18 -48.88
C GLN C 182 -22.33 -34.89 -49.23
N GLU C 183 -22.67 -33.80 -48.54
CA GLU C 183 -22.02 -32.54 -48.88
C GLU C 183 -21.81 -31.68 -47.64
N SER C 184 -20.94 -30.67 -47.81
CA SER C 184 -20.47 -29.84 -46.71
C SER C 184 -20.08 -28.46 -47.22
N VAL C 185 -20.50 -27.42 -46.50
CA VAL C 185 -20.26 -26.04 -46.91
C VAL C 185 -19.37 -25.35 -45.89
N THR C 186 -18.41 -24.56 -46.39
CA THR C 186 -17.51 -23.85 -45.50
C THR C 186 -18.23 -22.69 -44.83
N GLU C 187 -17.56 -22.13 -43.82
CA GLU C 187 -17.97 -20.86 -43.25
C GLU C 187 -17.76 -19.75 -44.26
N GLN C 188 -18.55 -18.69 -44.11
CA GLN C 188 -18.43 -17.52 -44.97
C GLN C 188 -17.01 -16.97 -44.88
N ASP C 189 -16.31 -16.95 -46.03
CA ASP C 189 -14.87 -16.69 -46.03
C ASP C 189 -14.57 -15.31 -45.47
N SER C 190 -13.54 -15.25 -44.62
CA SER C 190 -13.27 -14.06 -43.83
C SER C 190 -12.83 -12.88 -44.69
N LYS C 191 -12.06 -13.13 -45.75
CA LYS C 191 -11.61 -12.10 -46.67
C LYS C 191 -12.50 -11.95 -47.89
N ASP C 192 -13.48 -12.83 -48.05
CA ASP C 192 -14.14 -13.03 -49.33
C ASP C 192 -15.66 -12.95 -49.23
N SER C 193 -16.19 -13.28 -48.04
CA SER C 193 -17.63 -13.36 -47.80
C SER C 193 -18.33 -14.30 -48.78
N THR C 194 -17.60 -15.31 -49.25
CA THR C 194 -18.12 -16.33 -50.13
C THR C 194 -18.28 -17.64 -49.37
N TYR C 195 -18.88 -18.61 -50.05
CA TYR C 195 -19.00 -19.95 -49.54
C TYR C 195 -18.46 -20.92 -50.58
N SER C 196 -18.04 -22.09 -50.10
CA SER C 196 -17.65 -23.20 -50.96
C SER C 196 -18.22 -24.48 -50.39
N LEU C 197 -18.49 -25.47 -51.25
CA LEU C 197 -18.95 -26.74 -50.74
C LEU C 197 -18.27 -27.88 -51.48
N SER C 198 -18.22 -29.01 -50.79
CA SER C 198 -17.77 -30.29 -51.31
C SER C 198 -18.97 -31.24 -51.36
N SER C 199 -19.10 -31.96 -52.47
CA SER C 199 -20.12 -33.00 -52.60
C SER C 199 -19.43 -34.29 -52.99
N THR C 200 -19.55 -35.30 -52.14
CA THR C 200 -18.86 -36.58 -52.32
C THR C 200 -19.88 -37.67 -52.64
N LEU C 201 -19.64 -38.37 -53.74
CA LEU C 201 -20.43 -39.51 -54.18
C LEU C 201 -19.62 -40.78 -53.89
N THR C 202 -20.13 -41.62 -53.00
CA THR C 202 -19.42 -42.82 -52.58
C THR C 202 -20.26 -44.05 -52.92
N LEU C 203 -19.65 -45.03 -53.60
CA LEU C 203 -20.29 -46.33 -53.74
C LEU C 203 -19.23 -47.33 -54.21
N SER C 204 -19.65 -48.60 -54.34
CA SER C 204 -18.71 -49.70 -54.45
C SER C 204 -17.82 -49.59 -55.69
N LYS C 205 -16.62 -50.15 -55.58
CA LYS C 205 -15.69 -50.22 -56.71
C LYS C 205 -16.32 -50.90 -57.92
N ALA C 206 -17.16 -51.91 -57.69
CA ALA C 206 -17.84 -52.57 -58.79
C ALA C 206 -18.70 -51.59 -59.58
N ASP C 207 -19.51 -50.81 -58.87
CA ASP C 207 -20.40 -49.87 -59.54
C ASP C 207 -19.63 -48.80 -60.28
N TYR C 208 -18.51 -48.33 -59.69
CA TYR C 208 -17.67 -47.36 -60.38
C TYR C 208 -17.07 -47.95 -61.65
N GLU C 209 -16.60 -49.20 -61.59
CA GLU C 209 -15.99 -49.83 -62.75
C GLU C 209 -17.01 -50.26 -63.78
N LYS C 210 -18.30 -50.28 -63.44
CA LYS C 210 -19.33 -50.55 -64.44
C LYS C 210 -19.39 -49.44 -65.49
N HIS C 211 -19.48 -48.19 -65.03
CA HIS C 211 -19.91 -47.06 -65.86
C HIS C 211 -18.71 -46.22 -66.28
N LYS C 212 -18.94 -45.31 -67.22
CA LYS C 212 -17.85 -44.50 -67.76
C LYS C 212 -17.93 -43.02 -67.42
N VAL C 213 -19.05 -42.37 -67.72
CA VAL C 213 -19.17 -40.92 -67.64
C VAL C 213 -19.71 -40.54 -66.28
N TYR C 214 -18.98 -39.68 -65.57
CA TYR C 214 -19.41 -39.19 -64.26
C TYR C 214 -19.48 -37.67 -64.31
N ALA C 215 -20.66 -37.13 -63.98
CA ALA C 215 -20.93 -35.71 -64.15
C ALA C 215 -21.44 -35.09 -62.84
N CYS C 216 -20.86 -33.95 -62.48
CA CYS C 216 -21.37 -33.10 -61.42
C CYS C 216 -22.06 -31.91 -62.08
N GLU C 217 -23.36 -31.77 -61.84
CA GLU C 217 -24.17 -30.71 -62.42
C GLU C 217 -24.47 -29.69 -61.33
N VAL C 218 -24.00 -28.46 -61.54
CA VAL C 218 -24.10 -27.38 -60.56
C VAL C 218 -25.11 -26.36 -61.05
N THR C 219 -26.07 -26.04 -60.19
CA THR C 219 -27.07 -25.00 -60.44
C THR C 219 -26.97 -23.96 -59.35
N HIS C 220 -26.83 -22.69 -59.73
CA HIS C 220 -26.62 -21.62 -58.77
C HIS C 220 -27.14 -20.31 -59.35
N GLN C 221 -27.44 -19.37 -58.45
CA GLN C 221 -28.03 -18.10 -58.87
C GLN C 221 -27.13 -17.35 -59.83
N GLY C 222 -25.82 -17.41 -59.64
CA GLY C 222 -24.89 -16.72 -60.51
C GLY C 222 -24.63 -17.39 -61.84
N LEU C 223 -25.23 -18.55 -62.09
CA LEU C 223 -25.13 -19.23 -63.37
C LEU C 223 -26.39 -18.98 -64.17
N SER C 224 -26.24 -18.40 -65.36
CA SER C 224 -27.40 -18.16 -66.21
C SER C 224 -28.13 -19.46 -66.53
N SER C 225 -27.39 -20.57 -66.64
CA SER C 225 -27.96 -21.90 -66.78
C SER C 225 -26.93 -22.88 -66.25
N PRO C 226 -27.36 -24.06 -65.78
CA PRO C 226 -26.46 -24.91 -64.99
C PRO C 226 -25.20 -25.30 -65.76
N VAL C 227 -24.12 -25.45 -65.00
CA VAL C 227 -22.85 -25.92 -65.55
C VAL C 227 -22.66 -27.38 -65.18
N THR C 228 -21.80 -28.06 -65.92
CA THR C 228 -21.56 -29.49 -65.70
C THR C 228 -20.09 -29.80 -65.90
N LYS C 229 -19.48 -30.45 -64.91
CA LYS C 229 -18.10 -30.91 -65.00
C LYS C 229 -18.09 -32.42 -64.89
N SER C 230 -17.51 -33.09 -65.88
CA SER C 230 -17.57 -34.53 -65.97
C SER C 230 -16.21 -35.10 -66.31
N PHE C 231 -16.08 -36.41 -66.16
CA PHE C 231 -14.90 -37.11 -66.64
C PHE C 231 -15.28 -38.48 -67.15
N ASN C 232 -14.37 -39.07 -67.91
CA ASN C 232 -14.49 -40.40 -68.46
C ASN C 232 -13.49 -41.32 -67.78
N ARG C 233 -13.95 -42.50 -67.38
CA ARG C 233 -13.13 -43.43 -66.63
C ARG C 233 -12.09 -44.14 -67.50
N ASP D 69 -8.77 19.71 -1.97
CA ASP D 69 -8.32 19.96 -3.33
C ASP D 69 -8.76 18.80 -4.23
N ASN D 70 -7.78 18.18 -4.89
CA ASN D 70 -8.01 17.00 -5.72
C ASN D 70 -7.91 15.77 -4.83
N PHE D 71 -8.96 15.52 -4.06
CA PHE D 71 -8.93 14.29 -3.29
C PHE D 71 -9.99 13.33 -3.80
N ASN D 72 -10.00 13.22 -5.13
CA ASN D 72 -10.75 12.23 -5.88
C ASN D 72 -10.30 10.79 -5.57
N VAL D 73 -9.37 10.61 -4.64
CA VAL D 73 -8.95 9.26 -4.27
C VAL D 73 -10.09 8.47 -3.59
N TYR D 74 -11.15 9.15 -3.16
CA TYR D 74 -12.29 8.53 -2.51
C TYR D 74 -13.42 8.16 -3.48
N LYS D 75 -13.26 8.41 -4.79
CA LYS D 75 -14.42 8.36 -5.68
C LYS D 75 -15.02 6.96 -5.78
N ALA D 76 -14.19 5.93 -5.86
CA ALA D 76 -14.74 4.58 -6.01
C ALA D 76 -15.27 4.00 -4.72
N THR D 77 -15.19 4.72 -3.60
CA THR D 77 -15.45 4.16 -2.29
C THR D 77 -16.80 4.61 -1.74
N ARG D 78 -17.08 4.26 -0.48
CA ARG D 78 -18.30 4.61 0.22
C ARG D 78 -18.03 4.55 1.71
N PRO D 79 -18.86 5.20 2.53
CA PRO D 79 -18.83 4.97 3.97
C PRO D 79 -19.56 3.68 4.32
N TYR D 80 -19.59 3.35 5.61
CA TYR D 80 -20.12 2.06 6.03
C TYR D 80 -20.63 2.13 7.46
N LEU D 81 -21.42 1.13 7.83
CA LEU D 81 -21.92 0.96 9.19
C LEU D 81 -21.04 -0.04 9.92
N ALA D 82 -20.80 0.20 11.22
CA ALA D 82 -19.95 -0.72 11.97
C ALA D 82 -20.31 -0.66 13.45
N HIS D 83 -19.85 -1.67 14.19
CA HIS D 83 -20.16 -1.76 15.62
C HIS D 83 -19.64 -0.56 16.38
N CYS D 84 -20.53 0.13 17.09
CA CYS D 84 -20.16 1.13 18.07
C CYS D 84 -20.57 0.69 19.47
N PRO D 85 -19.68 0.80 20.44
CA PRO D 85 -20.03 0.28 21.78
C PRO D 85 -20.93 1.19 22.60
N ASP D 86 -20.94 2.50 22.35
CA ASP D 86 -21.79 3.40 23.12
C ASP D 86 -22.30 4.45 22.14
N CYS D 87 -23.49 4.20 21.62
CA CYS D 87 -24.12 5.07 20.63
C CYS D 87 -24.94 6.13 21.35
N GLY D 88 -24.51 6.48 22.56
CA GLY D 88 -25.36 7.14 23.54
C GLY D 88 -26.11 6.13 24.38
N GLU D 89 -26.47 6.56 25.59
CA GLU D 89 -27.36 5.82 26.49
C GLU D 89 -26.71 4.56 27.07
N GLY D 90 -25.39 4.42 26.95
CA GLY D 90 -24.75 3.22 27.45
C GLY D 90 -25.14 1.95 26.73
N HIS D 91 -25.56 2.06 25.46
CA HIS D 91 -25.94 0.91 24.66
C HIS D 91 -25.14 0.91 23.36
N SER D 92 -24.80 -0.28 22.90
CA SER D 92 -24.09 -0.46 21.63
C SER D 92 -25.07 -0.50 20.47
N CYS D 93 -24.57 -0.22 19.27
CA CYS D 93 -25.42 -0.28 18.09
C CYS D 93 -24.55 -0.48 16.86
N HIS D 94 -25.20 -0.46 15.70
CA HIS D 94 -24.52 -0.46 14.42
C HIS D 94 -24.57 0.97 13.89
N SER D 95 -23.43 1.66 13.94
CA SER D 95 -23.38 3.10 13.78
C SER D 95 -22.82 3.53 12.44
N PRO D 96 -23.28 4.66 11.90
CA PRO D 96 -22.57 5.31 10.79
C PRO D 96 -21.43 6.21 11.24
N VAL D 97 -21.19 6.37 12.54
CA VAL D 97 -20.03 7.10 13.05
C VAL D 97 -19.16 6.23 13.93
N ALA D 98 -19.09 4.93 13.64
CA ALA D 98 -18.18 4.07 14.37
C ALA D 98 -16.77 4.64 14.32
N LEU D 99 -16.13 4.73 15.49
CA LEU D 99 -14.72 5.07 15.52
C LEU D 99 -13.89 3.83 15.26
N GLU D 100 -12.84 4.01 14.47
CA GLU D 100 -11.88 2.95 14.19
C GLU D 100 -10.62 3.07 15.02
N ARG D 101 -10.09 4.29 15.16
CA ARG D 101 -8.79 4.50 15.78
C ARG D 101 -8.66 5.98 16.15
N ILE D 102 -8.14 6.23 17.35
CA ILE D 102 -7.81 7.59 17.78
C ILE D 102 -6.30 7.67 17.93
N ARG D 103 -5.69 8.64 17.25
CA ARG D 103 -4.25 8.86 17.36
C ARG D 103 -3.93 10.09 18.18
N ASN D 104 -2.88 9.97 18.99
CA ASN D 104 -2.38 11.04 19.85
C ASN D 104 -0.86 11.10 19.75
N GLU D 105 -0.35 11.06 18.52
CA GLU D 105 1.10 11.03 18.26
C GLU D 105 1.74 12.41 18.29
N ALA D 106 0.98 13.47 18.05
CA ALA D 106 1.53 14.81 18.09
C ALA D 106 1.64 15.32 19.52
N THR D 107 2.83 15.80 19.89
CA THR D 107 3.07 16.24 21.26
C THR D 107 2.39 17.57 21.57
N ASP D 108 1.86 18.28 20.57
CA ASP D 108 1.08 19.48 20.85
C ASP D 108 -0.30 19.15 21.40
N GLY D 109 -0.68 17.87 21.42
CA GLY D 109 -1.92 17.42 22.00
C GLY D 109 -3.02 17.11 20.99
N THR D 110 -2.81 17.42 19.72
CA THR D 110 -3.83 17.24 18.70
C THR D 110 -4.20 15.77 18.56
N LEU D 111 -5.50 15.50 18.44
CA LEU D 111 -6.02 14.16 18.21
C LEU D 111 -6.46 13.99 16.77
N LYS D 112 -6.18 12.82 16.22
CA LYS D 112 -6.41 12.47 14.83
C LYS D 112 -7.29 11.24 14.80
N ILE D 113 -8.56 11.43 14.45
CA ILE D 113 -9.63 10.47 14.71
C ILE D 113 -10.09 9.88 13.39
N GLN D 114 -10.38 8.60 13.37
CA GLN D 114 -10.87 7.91 12.17
C GLN D 114 -12.27 7.38 12.44
N VAL D 115 -13.21 7.72 11.56
CA VAL D 115 -14.61 7.35 11.70
C VAL D 115 -15.07 6.59 10.47
N SER D 116 -16.24 5.96 10.57
CA SER D 116 -16.75 5.12 9.49
C SER D 116 -17.41 5.92 8.38
N LEU D 117 -17.73 7.19 8.60
CA LEU D 117 -18.27 8.00 7.53
C LEU D 117 -17.16 8.78 6.83
N GLN D 118 -17.53 9.45 5.73
CA GLN D 118 -16.59 10.19 4.90
C GLN D 118 -17.00 11.65 4.85
N ILE D 119 -16.04 12.54 5.05
CA ILE D 119 -16.29 13.97 5.21
C ILE D 119 -15.72 14.71 4.01
N GLY D 120 -16.51 15.63 3.46
CA GLY D 120 -16.07 16.46 2.37
C GLY D 120 -16.48 16.01 0.99
N ILE D 121 -17.35 15.01 0.87
CA ILE D 121 -17.81 14.54 -0.43
C ILE D 121 -19.31 14.33 -0.40
N LYS D 122 -19.96 14.58 -1.53
CA LYS D 122 -21.33 14.18 -1.73
C LYS D 122 -21.40 12.70 -2.07
N THR D 123 -22.63 12.18 -2.17
CA THR D 123 -22.78 10.80 -2.62
C THR D 123 -22.43 10.61 -4.10
N ASP D 124 -22.26 11.71 -4.84
CA ASP D 124 -21.95 11.68 -6.27
C ASP D 124 -20.45 11.78 -6.56
N ASP D 125 -19.60 11.60 -5.54
CA ASP D 125 -18.15 11.71 -5.58
C ASP D 125 -17.66 13.15 -5.78
N SER D 126 -18.54 14.14 -5.80
CA SER D 126 -18.11 15.52 -5.93
C SER D 126 -17.73 16.10 -4.58
N HIS D 127 -16.67 16.90 -4.58
CA HIS D 127 -16.13 17.49 -3.36
C HIS D 127 -16.98 18.67 -2.93
N ASP D 128 -17.27 18.76 -1.62
CA ASP D 128 -18.03 19.87 -1.08
C ASP D 128 -17.70 19.96 0.41
N TRP D 129 -17.10 21.10 0.83
CA TRP D 129 -16.63 21.20 2.21
C TRP D 129 -17.78 21.28 3.21
N THR D 130 -18.99 21.61 2.76
CA THR D 130 -20.14 21.71 3.64
C THR D 130 -20.93 20.41 3.75
N LYS D 131 -20.46 19.33 3.12
CA LYS D 131 -21.21 18.09 3.07
C LYS D 131 -20.39 16.92 3.61
N LEU D 132 -21.11 15.88 4.00
CA LEU D 132 -20.60 14.72 4.69
C LEU D 132 -21.45 13.53 4.27
N ARG D 133 -20.83 12.44 3.83
CA ARG D 133 -21.61 11.29 3.38
C ARG D 133 -21.41 10.12 4.32
N TYR D 134 -22.54 9.56 4.79
CA TYR D 134 -22.60 8.39 5.66
C TYR D 134 -23.36 7.31 4.88
N MET D 135 -23.64 6.17 5.53
CA MET D 135 -24.51 5.17 4.91
C MET D 135 -25.82 5.03 5.66
N ASP D 136 -26.93 5.17 4.92
CA ASP D 136 -28.29 4.91 5.37
C ASP D 136 -28.66 3.53 4.83
N ASN D 137 -28.56 2.51 5.68
CA ASN D 137 -28.77 1.11 5.32
C ASN D 137 -27.85 0.76 4.15
N HIS D 138 -28.38 0.40 2.99
CA HIS D 138 -27.59 0.01 1.82
C HIS D 138 -27.14 1.19 0.98
N MET D 139 -27.66 2.39 1.25
CA MET D 139 -27.51 3.52 0.34
C MET D 139 -26.69 4.63 0.99
N PRO D 140 -25.58 5.06 0.41
CA PRO D 140 -24.89 6.24 0.92
C PRO D 140 -25.78 7.47 0.84
N ALA D 141 -25.65 8.35 1.83
CA ALA D 141 -26.52 9.51 1.97
C ALA D 141 -25.70 10.72 2.37
N ASP D 142 -26.23 11.89 1.98
CA ASP D 142 -25.60 13.18 2.24
C ASP D 142 -26.15 13.78 3.53
N ALA D 143 -25.31 14.58 4.19
CA ALA D 143 -25.64 15.15 5.48
C ALA D 143 -24.73 16.35 5.71
N GLU D 144 -25.01 17.08 6.80
CA GLU D 144 -24.40 18.38 7.02
C GLU D 144 -23.09 18.30 7.81
N ARG D 145 -22.02 18.78 7.17
CA ARG D 145 -20.75 19.02 7.83
C ARG D 145 -20.93 19.86 9.09
N ALA D 146 -21.86 20.82 9.05
CA ALA D 146 -22.08 21.71 10.19
C ALA D 146 -22.53 20.95 11.42
N GLY D 147 -23.14 19.79 11.26
CA GLY D 147 -23.62 19.01 12.38
C GLY D 147 -22.61 18.10 13.03
N LEU D 148 -21.37 18.08 12.53
CA LEU D 148 -20.36 17.17 13.02
C LEU D 148 -19.74 17.70 14.32
N PHE D 149 -19.51 16.80 15.28
CA PHE D 149 -18.97 17.23 16.56
C PHE D 149 -18.09 16.13 17.17
N VAL D 150 -17.08 16.58 17.92
CA VAL D 150 -16.24 15.70 18.74
C VAL D 150 -16.28 16.26 20.15
N ARG D 151 -16.41 15.39 21.16
CA ARG D 151 -16.86 15.92 22.44
C ARG D 151 -16.04 15.58 23.69
N THR D 152 -15.36 14.43 23.73
CA THR D 152 -14.58 14.00 24.91
C THR D 152 -15.30 14.33 26.23
N SER D 153 -14.57 14.79 27.25
CA SER D 153 -15.22 15.25 28.49
C SER D 153 -15.99 16.55 28.27
N ALA D 154 -15.46 17.46 27.45
CA ALA D 154 -16.11 18.72 27.13
C ALA D 154 -15.89 19.01 25.65
N PRO D 155 -16.80 19.73 25.00
CA PRO D 155 -16.76 19.86 23.53
C PRO D 155 -15.37 20.18 22.99
N CYS D 156 -15.01 19.52 21.89
CA CYS D 156 -13.72 19.71 21.24
C CYS D 156 -13.82 20.71 20.11
N THR D 157 -12.66 21.16 19.65
CA THR D 157 -12.55 22.04 18.49
C THR D 157 -11.97 21.23 17.33
N ILE D 158 -12.76 21.06 16.27
CA ILE D 158 -12.31 20.30 15.10
C ILE D 158 -11.42 21.21 14.26
N THR D 159 -10.14 20.83 14.13
CA THR D 159 -9.21 21.62 13.34
C THR D 159 -9.22 21.25 11.87
N GLY D 160 -9.47 19.99 11.54
CA GLY D 160 -9.42 19.57 10.15
C GLY D 160 -10.35 18.41 9.88
N THR D 161 -10.70 18.24 8.61
CA THR D 161 -11.53 17.12 8.18
C THR D 161 -11.15 16.70 6.77
N MET D 162 -11.06 15.38 6.56
CA MET D 162 -10.90 14.81 5.22
C MET D 162 -11.37 13.37 5.24
N GLY D 163 -12.45 13.09 4.51
CA GLY D 163 -12.94 11.73 4.38
C GLY D 163 -13.22 11.08 5.70
N HIS D 164 -12.40 10.11 6.08
CA HIS D 164 -12.59 9.35 7.32
C HIS D 164 -11.88 9.96 8.51
N PHE D 165 -11.20 11.10 8.36
CA PHE D 165 -10.28 11.58 9.39
C PHE D 165 -10.65 12.98 9.86
N ILE D 166 -10.55 13.18 11.18
CA ILE D 166 -10.90 14.42 11.86
C ILE D 166 -9.73 14.83 12.75
N LEU D 167 -9.22 16.05 12.54
CA LEU D 167 -8.26 16.65 13.46
C LEU D 167 -9.02 17.50 14.47
N ALA D 168 -8.90 17.14 15.75
CA ALA D 168 -9.56 17.88 16.82
C ALA D 168 -8.60 18.14 17.97
N ARG D 169 -8.84 19.24 18.67
CA ARG D 169 -8.21 19.53 19.95
C ARG D 169 -9.26 19.39 21.03
N CYS D 170 -8.94 18.61 22.07
CA CYS D 170 -9.93 18.19 23.04
C CYS D 170 -9.44 18.49 24.45
N PRO D 171 -10.35 18.80 25.36
CA PRO D 171 -9.99 18.91 26.78
C PRO D 171 -9.68 17.54 27.36
N LYS D 172 -9.07 17.56 28.55
CA LYS D 172 -8.77 16.31 29.24
C LYS D 172 -10.04 15.52 29.50
N GLY D 173 -10.01 14.25 29.13
CA GLY D 173 -11.19 13.41 29.29
C GLY D 173 -10.82 11.95 29.29
N GLU D 174 -11.85 11.12 29.50
CA GLU D 174 -11.69 9.69 29.52
C GLU D 174 -12.51 8.97 28.45
N THR D 175 -13.53 9.63 27.90
CA THR D 175 -14.23 9.13 26.73
C THR D 175 -14.01 10.11 25.58
N LEU D 176 -14.16 9.60 24.36
CA LEU D 176 -14.13 10.43 23.16
C LEU D 176 -15.34 10.09 22.30
N THR D 177 -16.07 11.12 21.89
CA THR D 177 -17.33 10.95 21.18
C THR D 177 -17.29 11.72 19.87
N VAL D 178 -17.81 11.09 18.81
CA VAL D 178 -18.00 11.75 17.52
C VAL D 178 -19.43 11.51 17.06
N GLY D 179 -20.08 12.58 16.58
CA GLY D 179 -21.44 12.46 16.10
C GLY D 179 -21.71 13.40 14.94
N PHE D 180 -22.89 13.22 14.35
CA PHE D 180 -23.33 14.09 13.27
C PHE D 180 -24.84 14.03 13.17
N THR D 181 -25.39 14.91 12.35
CA THR D 181 -26.83 15.01 12.12
C THR D 181 -27.13 14.57 10.69
N ASP D 182 -28.02 13.60 10.55
CA ASP D 182 -28.37 13.05 9.25
C ASP D 182 -29.35 13.97 8.52
N SER D 183 -29.86 13.51 7.37
CA SER D 183 -30.79 14.33 6.60
C SER D 183 -32.09 14.55 7.36
N ARG D 184 -32.60 13.51 8.02
CA ARG D 184 -33.81 13.59 8.82
C ARG D 184 -33.61 14.37 10.10
N LYS D 185 -32.41 14.92 10.31
CA LYS D 185 -32.02 15.59 11.54
C LYS D 185 -32.29 14.74 12.77
N ILE D 186 -31.64 13.57 12.77
CA ILE D 186 -31.42 12.74 13.94
C ILE D 186 -29.96 12.86 14.34
N SER D 187 -29.70 12.93 15.65
CA SER D 187 -28.34 12.86 16.13
C SER D 187 -27.87 11.42 16.11
N HIS D 188 -26.70 11.18 15.52
CA HIS D 188 -26.02 9.89 15.60
C HIS D 188 -24.69 10.14 16.29
N SER D 189 -24.35 9.31 17.28
CA SER D 189 -23.11 9.49 17.99
C SER D 189 -22.44 8.14 18.19
N CYS D 190 -21.16 8.20 18.57
CA CYS D 190 -20.39 7.02 18.94
C CYS D 190 -19.33 7.44 19.93
N THR D 191 -19.09 6.59 20.92
CA THR D 191 -18.23 6.93 22.04
C THR D 191 -17.29 5.76 22.35
N HIS D 192 -16.03 6.10 22.63
CA HIS D 192 -15.04 5.11 23.03
C HIS D 192 -14.29 5.54 24.28
N PRO D 193 -13.81 4.58 25.06
CA PRO D 193 -12.89 4.91 26.16
C PRO D 193 -11.61 5.50 25.59
N PHE D 194 -11.23 6.67 26.10
CA PHE D 194 -10.00 7.32 25.62
C PHE D 194 -9.47 8.26 26.71
N HIS D 195 -8.43 7.80 27.42
CA HIS D 195 -7.70 8.67 28.34
C HIS D 195 -6.94 9.73 27.54
N HIS D 196 -7.29 11.00 27.76
CA HIS D 196 -6.70 12.12 27.03
C HIS D 196 -6.13 13.10 28.04
N ASP D 197 -4.82 13.01 28.26
CA ASP D 197 -4.13 13.79 29.28
C ASP D 197 -2.85 14.35 28.68
N PRO D 198 -2.96 15.23 27.69
CA PRO D 198 -1.83 15.52 26.81
C PRO D 198 -0.69 16.15 27.59
N PRO D 199 0.43 15.44 27.70
CA PRO D 199 1.51 15.88 28.60
C PRO D 199 2.16 17.18 28.13
N VAL D 200 2.85 17.81 29.07
CA VAL D 200 3.11 19.25 29.04
C VAL D 200 4.37 19.55 28.23
N ILE D 201 4.25 20.48 27.28
CA ILE D 201 5.41 21.03 26.58
C ILE D 201 5.98 22.16 27.43
N GLY D 202 7.20 21.99 27.90
CA GLY D 202 7.85 22.97 28.75
C GLY D 202 7.87 22.56 30.22
N ARG D 203 8.09 23.57 31.06
CA ARG D 203 8.19 23.38 32.50
C ARG D 203 7.10 24.15 33.25
N GLU D 204 6.05 24.57 32.54
CA GLU D 204 4.96 25.31 33.16
C GLU D 204 3.64 24.75 32.66
N LYS D 205 2.84 24.18 33.57
CA LYS D 205 1.51 23.66 33.25
C LYS D 205 0.56 24.85 33.11
N PHE D 206 0.59 25.49 31.95
CA PHE D 206 -0.16 26.72 31.79
C PHE D 206 -1.54 26.44 31.19
N HIS D 207 -2.42 27.43 31.31
CA HIS D 207 -3.82 27.30 30.93
C HIS D 207 -4.30 28.35 29.94
N SER D 208 -3.58 29.45 29.76
CA SER D 208 -3.83 30.43 28.71
C SER D 208 -2.59 30.55 27.85
N ARG D 209 -2.75 30.48 26.53
CA ARG D 209 -1.56 30.54 25.68
C ARG D 209 -1.07 31.97 25.57
N PRO D 210 0.22 32.22 25.77
CA PRO D 210 0.73 33.59 25.87
C PRO D 210 1.23 34.10 24.53
N GLN D 211 1.50 35.41 24.50
CA GLN D 211 2.34 36.00 23.45
C GLN D 211 3.81 36.00 23.87
N HIS D 212 4.11 36.69 24.96
CA HIS D 212 5.48 36.81 25.44
C HIS D 212 5.89 35.51 26.09
N GLY D 213 6.67 34.71 25.36
CA GLY D 213 7.12 33.44 25.87
C GLY D 213 8.25 32.88 25.02
N LYS D 214 8.69 31.70 25.40
CA LYS D 214 9.76 30.95 24.76
C LYS D 214 9.17 29.86 23.89
N GLU D 215 9.82 29.60 22.75
CA GLU D 215 9.36 28.57 21.84
C GLU D 215 10.19 27.30 21.98
N LEU D 216 9.52 26.16 21.94
CA LEU D 216 10.09 24.85 22.23
C LEU D 216 9.67 23.84 21.16
N PRO D 217 10.42 22.75 21.02
CA PRO D 217 10.03 21.73 20.05
C PRO D 217 8.72 21.05 20.44
N CYS D 218 7.99 20.62 19.42
CA CYS D 218 6.74 19.86 19.59
C CYS D 218 6.42 19.27 18.22
N SER D 219 5.39 18.43 18.17
CA SER D 219 4.95 17.84 16.91
C SER D 219 3.46 18.09 16.74
N THR D 220 3.04 18.20 15.48
CA THR D 220 1.66 18.54 15.16
C THR D 220 1.18 17.71 13.98
N TYR D 221 -0.14 17.66 13.81
CA TYR D 221 -0.76 17.15 12.61
C TYR D 221 -1.09 18.34 11.71
N VAL D 222 -0.34 18.51 10.63
CA VAL D 222 -0.59 19.62 9.71
C VAL D 222 -1.90 19.39 8.98
N GLN D 223 -2.37 20.40 8.25
CA GLN D 223 -3.65 20.32 7.57
C GLN D 223 -3.51 20.07 6.08
N SER D 224 -2.52 19.28 5.68
CA SER D 224 -2.32 18.90 4.28
C SER D 224 -3.30 17.80 3.89
N THR D 225 -4.23 18.12 2.99
CA THR D 225 -5.16 17.11 2.47
C THR D 225 -4.61 16.42 1.23
N ALA D 226 -3.41 15.86 1.27
CA ALA D 226 -2.80 15.46 0.00
C ALA D 226 -1.62 14.51 0.19
N ALA D 227 -1.67 13.39 -0.52
CA ALA D 227 -0.50 12.69 -1.06
C ALA D 227 0.58 12.44 0.00
N THR D 228 0.24 11.58 0.96
CA THR D 228 1.19 11.15 1.97
C THR D 228 1.61 9.70 1.72
N THR D 229 2.43 9.17 2.64
CA THR D 229 2.87 7.79 2.54
C THR D 229 1.83 6.83 3.11
N GLU D 230 1.39 7.10 4.34
CA GLU D 230 0.54 6.17 5.07
C GLU D 230 -0.77 5.92 4.33
N GLU D 231 -1.20 4.67 4.32
CA GLU D 231 -2.36 4.27 3.52
C GLU D 231 -3.24 3.31 4.28
N ILE D 232 -4.53 3.38 3.98
CA ILE D 232 -5.52 2.38 4.36
C ILE D 232 -6.01 1.74 3.06
N GLU D 233 -6.44 0.49 3.14
CA GLU D 233 -6.88 -0.24 1.96
C GLU D 233 -8.40 -0.29 1.90
N VAL D 234 -8.94 -0.24 0.69
CA VAL D 234 -10.37 -0.35 0.43
C VAL D 234 -10.61 -1.57 -0.46
N HIS D 235 -11.55 -2.40 -0.04
CA HIS D 235 -11.82 -3.72 -0.58
C HIS D 235 -13.25 -3.79 -1.10
N MET D 236 -13.55 -4.92 -1.73
CA MET D 236 -14.94 -5.30 -1.99
C MET D 236 -15.62 -5.61 -0.67
N PRO D 237 -16.74 -4.97 -0.36
CA PRO D 237 -17.43 -5.26 0.91
C PRO D 237 -18.06 -6.64 0.86
N PRO D 238 -18.32 -7.23 2.03
CA PRO D 238 -19.03 -8.52 2.05
C PRO D 238 -20.51 -8.31 1.74
N ASP D 239 -21.21 -9.42 1.47
CA ASP D 239 -22.65 -9.34 1.27
C ASP D 239 -23.34 -8.80 2.52
N THR D 240 -24.41 -8.04 2.32
CA THR D 240 -25.06 -7.33 3.40
C THR D 240 -26.36 -8.03 3.77
N PRO D 241 -26.43 -8.75 4.88
CA PRO D 241 -27.70 -9.36 5.30
C PRO D 241 -28.72 -8.26 5.55
N ASP D 242 -29.99 -8.56 5.25
CA ASP D 242 -31.07 -7.61 5.48
C ASP D 242 -32.36 -8.40 5.54
N ARG D 243 -32.95 -8.50 6.74
CA ARG D 243 -34.15 -9.28 6.91
C ARG D 243 -35.33 -8.66 6.16
N THR D 244 -35.37 -7.34 6.04
CA THR D 244 -36.45 -6.65 5.37
C THR D 244 -36.47 -6.92 3.88
N LEU D 245 -35.45 -7.56 3.32
CA LEU D 245 -35.52 -8.01 1.94
C LEU D 245 -36.61 -9.05 1.74
N MET D 246 -37.12 -9.64 2.83
CA MET D 246 -38.05 -10.75 2.77
C MET D 246 -39.32 -10.42 3.55
N SER D 247 -40.46 -10.87 3.04
CA SER D 247 -41.75 -10.69 3.71
C SER D 247 -42.57 -11.94 3.49
N GLN D 248 -43.55 -12.16 4.37
CA GLN D 248 -44.39 -13.35 4.31
C GLN D 248 -45.73 -12.99 3.66
N GLN D 249 -45.73 -13.03 2.32
CA GLN D 249 -46.97 -13.11 1.56
C GLN D 249 -47.58 -14.46 1.91
N SER D 250 -48.67 -14.44 2.69
CA SER D 250 -49.07 -15.59 3.51
C SER D 250 -48.90 -16.92 2.79
N GLY D 251 -48.15 -17.83 3.43
CA GLY D 251 -47.84 -19.11 2.87
C GLY D 251 -46.57 -19.17 2.05
N ASN D 252 -46.05 -18.02 1.63
CA ASN D 252 -44.87 -17.96 0.78
C ASN D 252 -43.97 -16.82 1.24
N VAL D 253 -42.80 -16.72 0.62
CA VAL D 253 -41.84 -15.66 0.90
C VAL D 253 -41.74 -14.77 -0.34
N LYS D 254 -41.82 -13.47 -0.16
CA LYS D 254 -41.57 -12.53 -1.24
C LYS D 254 -40.28 -11.77 -0.96
N ILE D 255 -39.29 -11.98 -1.82
CA ILE D 255 -38.03 -11.24 -1.76
C ILE D 255 -38.17 -10.01 -2.64
N THR D 256 -38.06 -8.84 -2.01
CA THR D 256 -38.15 -7.54 -2.67
C THR D 256 -36.75 -6.95 -2.71
N VAL D 257 -36.19 -6.81 -3.93
CA VAL D 257 -34.79 -6.51 -4.09
C VAL D 257 -34.50 -5.03 -4.25
N ASN D 258 -35.53 -4.19 -4.30
CA ASN D 258 -35.38 -2.79 -4.73
C ASN D 258 -34.66 -2.74 -6.07
N GLY D 259 -33.49 -2.13 -6.11
CA GLY D 259 -32.71 -2.05 -7.32
C GLY D 259 -31.36 -2.72 -7.18
N GLN D 260 -31.32 -3.88 -6.52
CA GLN D 260 -30.08 -4.51 -6.12
C GLN D 260 -30.10 -5.99 -6.49
N THR D 261 -28.91 -6.60 -6.42
CA THR D 261 -28.79 -8.05 -6.55
C THR D 261 -28.86 -8.67 -5.16
N VAL D 262 -29.71 -9.68 -5.01
CA VAL D 262 -29.87 -10.38 -3.74
C VAL D 262 -29.42 -11.82 -3.90
N ARG D 263 -28.52 -12.23 -3.03
CA ARG D 263 -28.12 -13.62 -2.88
C ARG D 263 -28.94 -14.22 -1.75
N TYR D 264 -29.70 -15.29 -2.05
CA TYR D 264 -30.65 -15.84 -1.10
C TYR D 264 -30.50 -17.36 -1.01
N LYS D 265 -30.90 -17.89 0.14
CA LYS D 265 -30.96 -19.34 0.37
C LYS D 265 -32.12 -19.64 1.30
N CYS D 266 -33.05 -20.49 0.86
CA CYS D 266 -34.20 -20.90 1.67
C CYS D 266 -34.15 -22.40 1.92
N ASN D 267 -34.49 -22.77 3.15
CA ASN D 267 -34.39 -24.15 3.62
C ASN D 267 -35.72 -24.88 3.42
N CYS D 268 -36.13 -24.96 2.15
CA CYS D 268 -37.38 -25.60 1.80
C CYS D 268 -37.27 -26.12 0.39
N GLY D 269 -37.57 -27.41 0.22
CA GLY D 269 -37.43 -28.09 -1.06
C GLY D 269 -38.13 -27.39 -2.21
N GLY D 270 -37.37 -27.12 -3.27
CA GLY D 270 -37.89 -26.37 -4.40
C GLY D 270 -37.51 -24.90 -4.35
N SER D 271 -36.68 -24.47 -5.29
CA SER D 271 -36.16 -23.10 -5.36
C SER D 271 -35.44 -22.73 -4.06
N ASN D 272 -34.33 -23.44 -3.83
CA ASN D 272 -33.65 -23.38 -2.54
C ASN D 272 -32.75 -22.15 -2.42
N GLU D 273 -31.75 -22.02 -3.30
CA GLU D 273 -30.82 -20.91 -3.21
C GLU D 273 -30.42 -20.40 -4.59
N GLY D 274 -30.07 -19.13 -4.65
CA GLY D 274 -29.66 -18.53 -5.90
C GLY D 274 -29.49 -17.03 -5.79
N LEU D 275 -29.52 -16.37 -6.95
CA LEU D 275 -29.41 -14.93 -7.08
C LEU D 275 -30.64 -14.38 -7.77
N THR D 276 -30.96 -13.11 -7.49
CA THR D 276 -32.07 -12.47 -8.17
C THR D 276 -31.90 -10.96 -8.16
N THR D 277 -32.21 -10.33 -9.29
CA THR D 277 -32.28 -8.87 -9.37
C THR D 277 -33.71 -8.38 -9.51
N THR D 278 -34.68 -9.29 -9.53
CA THR D 278 -36.10 -8.96 -9.60
C THR D 278 -36.77 -9.40 -8.32
N ASP D 279 -37.96 -8.84 -8.06
CA ASP D 279 -38.79 -9.33 -6.97
C ASP D 279 -39.16 -10.78 -7.24
N LYS D 280 -38.70 -11.68 -6.38
CA LYS D 280 -38.95 -13.10 -6.60
C LYS D 280 -39.82 -13.63 -5.47
N VAL D 281 -40.66 -14.62 -5.78
CA VAL D 281 -41.57 -15.21 -4.81
C VAL D 281 -41.23 -16.69 -4.69
N ILE D 282 -40.79 -17.08 -3.50
CA ILE D 282 -40.44 -18.46 -3.20
C ILE D 282 -41.63 -19.12 -2.53
N ASN D 283 -42.04 -20.27 -3.07
CA ASN D 283 -43.33 -20.87 -2.73
C ASN D 283 -43.21 -21.80 -1.53
N ASN D 284 -44.22 -21.73 -0.66
CA ASN D 284 -44.46 -22.72 0.39
C ASN D 284 -43.28 -22.79 1.36
N CYS D 285 -42.96 -21.63 1.93
CA CYS D 285 -41.78 -21.47 2.76
C CYS D 285 -42.01 -20.30 3.71
N LYS D 286 -41.53 -20.41 4.94
CA LYS D 286 -41.65 -19.32 5.90
C LYS D 286 -40.37 -18.48 5.91
N VAL D 287 -40.53 -17.24 6.37
CA VAL D 287 -39.45 -16.26 6.30
C VAL D 287 -38.28 -16.63 7.21
N ASP D 288 -38.54 -17.29 8.33
CA ASP D 288 -37.44 -17.74 9.16
C ASP D 288 -36.85 -19.08 8.69
N GLN D 289 -37.08 -19.41 7.42
CA GLN D 289 -36.35 -20.47 6.73
C GLN D 289 -35.46 -19.92 5.61
N CYS D 290 -35.35 -18.59 5.51
CA CYS D 290 -34.62 -17.97 4.41
C CYS D 290 -33.56 -17.01 4.94
N HIS D 291 -32.50 -16.87 4.15
CA HIS D 291 -31.43 -15.92 4.39
C HIS D 291 -31.24 -15.12 3.12
N ALA D 292 -31.19 -13.79 3.25
CA ALA D 292 -31.09 -12.91 2.08
C ALA D 292 -30.06 -11.84 2.35
N ALA D 293 -29.25 -11.55 1.34
CA ALA D 293 -28.25 -10.49 1.47
C ALA D 293 -28.11 -9.77 0.13
N VAL D 294 -27.60 -8.54 0.22
CA VAL D 294 -27.33 -7.74 -0.96
C VAL D 294 -25.89 -7.99 -1.39
N THR D 295 -25.72 -8.39 -2.65
CA THR D 295 -24.40 -8.70 -3.18
C THR D 295 -24.14 -7.89 -4.44
N ASN D 296 -23.04 -8.18 -5.12
CA ASN D 296 -22.64 -7.47 -6.34
C ASN D 296 -22.46 -5.98 -6.06
N HIS D 297 -21.79 -5.68 -4.95
CA HIS D 297 -21.45 -4.30 -4.63
C HIS D 297 -20.50 -3.74 -5.67
N LYS D 298 -20.63 -2.44 -5.95
CA LYS D 298 -19.79 -1.79 -6.94
C LYS D 298 -19.21 -0.48 -6.43
N LYS D 299 -18.95 -0.42 -5.11
CA LYS D 299 -18.17 0.63 -4.47
C LYS D 299 -17.34 -0.02 -3.37
N TRP D 300 -16.16 0.55 -3.12
CA TRP D 300 -15.19 -0.05 -2.22
C TRP D 300 -15.33 0.51 -0.81
N GLN D 301 -14.76 -0.20 0.16
CA GLN D 301 -14.82 0.27 1.53
C GLN D 301 -13.67 -0.30 2.35
N TYR D 302 -13.29 0.45 3.38
CA TYR D 302 -12.17 0.08 4.25
C TYR D 302 -12.41 -1.27 4.89
N ASN D 303 -11.38 -2.13 4.88
CA ASN D 303 -11.51 -3.43 5.53
C ASN D 303 -11.35 -3.23 7.02
N SER D 304 -12.42 -2.73 7.63
CA SER D 304 -12.43 -2.43 9.05
C SER D 304 -12.35 -3.71 9.88
N PRO D 305 -11.73 -3.63 11.06
CA PRO D 305 -11.82 -4.75 12.01
C PRO D 305 -13.25 -5.08 12.39
N LEU D 306 -14.18 -4.15 12.20
CA LEU D 306 -15.57 -4.32 12.62
C LEU D 306 -16.47 -4.78 11.49
N VAL D 307 -15.92 -5.15 10.35
CA VAL D 307 -16.69 -5.65 9.20
C VAL D 307 -16.13 -7.01 8.79
N PRO D 308 -16.97 -7.95 8.36
CA PRO D 308 -16.44 -9.23 7.87
C PRO D 308 -15.65 -9.07 6.58
N ARG D 309 -14.72 -10.00 6.39
CA ARG D 309 -13.91 -10.06 5.17
C ARG D 309 -14.69 -10.81 4.10
N ASN D 310 -14.73 -10.28 2.88
CA ASN D 310 -15.60 -10.88 1.88
C ASN D 310 -15.09 -12.23 1.40
N ALA D 311 -13.76 -12.42 1.40
CA ALA D 311 -13.15 -13.67 0.96
C ALA D 311 -12.01 -14.02 1.91
N GLU D 312 -11.59 -15.28 1.88
CA GLU D 312 -10.65 -15.78 2.89
C GLU D 312 -9.36 -14.97 2.91
N LEU D 313 -8.70 -14.82 1.76
CA LEU D 313 -7.50 -14.00 1.67
C LEU D 313 -7.83 -12.54 1.44
N GLY D 314 -9.03 -12.12 1.78
CA GLY D 314 -9.43 -10.76 1.59
C GLY D 314 -9.60 -10.42 0.12
N ASP D 315 -9.71 -9.12 -0.11
CA ASP D 315 -9.81 -8.55 -1.44
C ASP D 315 -9.05 -7.24 -1.38
N ARG D 316 -8.86 -6.59 -2.52
CA ARG D 316 -8.40 -5.20 -2.49
C ARG D 316 -8.67 -4.56 -3.83
N LYS D 317 -9.28 -3.39 -3.80
CA LYS D 317 -9.56 -2.65 -5.01
C LYS D 317 -8.98 -1.24 -5.00
N GLY D 318 -8.40 -0.79 -3.88
CA GLY D 318 -7.72 0.49 -3.93
C GLY D 318 -7.11 0.83 -2.58
N LYS D 319 -6.47 2.00 -2.55
CA LYS D 319 -5.91 2.55 -1.32
C LYS D 319 -6.28 4.01 -1.17
N ILE D 320 -6.35 4.46 0.08
CA ILE D 320 -6.61 5.85 0.43
C ILE D 320 -5.53 6.33 1.39
N HIS D 321 -4.96 7.49 1.11
CA HIS D 321 -3.88 8.00 1.93
C HIS D 321 -4.44 8.63 3.21
N ILE D 322 -3.60 8.64 4.25
CA ILE D 322 -4.01 9.18 5.54
C ILE D 322 -3.54 10.62 5.66
N PRO D 323 -4.44 11.60 5.56
CA PRO D 323 -4.01 13.01 5.55
C PRO D 323 -3.44 13.47 6.88
N PHE D 324 -3.06 14.73 6.93
CA PHE D 324 -2.60 15.35 8.16
C PHE D 324 -1.38 14.62 8.72
N PRO D 325 -0.27 14.61 8.02
CA PRO D 325 0.91 13.90 8.52
C PRO D 325 1.48 14.56 9.76
N LEU D 326 2.20 13.77 10.53
CA LEU D 326 2.90 14.30 11.70
C LEU D 326 4.12 15.08 11.25
N ALA D 327 4.11 16.38 11.48
CA ALA D 327 5.26 17.24 11.21
C ALA D 327 5.81 17.76 12.53
N ASN D 328 7.02 18.29 12.46
CA ASN D 328 7.81 18.60 13.65
C ASN D 328 8.00 20.11 13.72
N VAL D 329 7.28 20.76 14.64
CA VAL D 329 7.09 22.20 14.66
C VAL D 329 7.40 22.77 16.04
N THR D 330 7.08 24.04 16.23
CA THR D 330 7.43 24.77 17.43
C THR D 330 6.17 25.25 18.15
N CYS D 331 6.21 25.24 19.49
CA CYS D 331 5.10 25.64 20.34
C CYS D 331 5.57 26.73 21.32
N ARG D 332 4.73 27.74 21.56
CA ARG D 332 5.05 28.73 22.58
C ARG D 332 4.63 28.29 23.97
N VAL D 333 5.44 28.67 24.96
CA VAL D 333 5.15 28.53 26.39
C VAL D 333 5.52 29.83 27.07
N PRO D 334 4.95 30.10 28.24
CA PRO D 334 5.35 31.29 28.99
C PRO D 334 6.66 31.05 29.73
N LYS D 335 7.21 32.15 30.26
CA LYS D 335 8.27 32.10 31.26
C LYS D 335 7.74 32.70 32.55
N ALA D 336 7.84 31.94 33.64
CA ALA D 336 7.39 32.43 34.94
C ALA D 336 8.20 33.66 35.33
N ARG D 337 7.51 34.63 35.94
CA ARG D 337 8.12 35.92 36.22
C ARG D 337 9.32 35.77 37.15
N ASN D 338 10.32 36.61 36.96
CA ASN D 338 11.59 36.44 37.66
C ASN D 338 11.39 36.53 39.17
N PRO D 339 11.85 35.55 39.93
CA PRO D 339 11.61 35.53 41.37
C PRO D 339 12.39 36.60 42.11
N THR D 340 11.85 37.05 43.23
CA THR D 340 12.55 38.02 44.06
C THR D 340 13.62 37.32 44.89
N VAL D 341 14.84 37.82 44.83
CA VAL D 341 16.01 37.13 45.37
C VAL D 341 16.64 37.98 46.46
N THR D 342 16.87 37.37 47.62
CA THR D 342 17.64 37.95 48.71
C THR D 342 18.74 36.97 49.11
N TYR D 343 19.81 37.50 49.69
CA TYR D 343 21.03 36.73 49.87
C TYR D 343 21.53 36.75 51.30
N GLY D 344 22.03 35.60 51.76
CA GLY D 344 22.86 35.53 52.94
C GLY D 344 24.02 34.59 52.67
N LYS D 345 25.00 34.60 53.56
CA LYS D 345 26.17 33.74 53.34
C LYS D 345 25.73 32.29 53.24
N ASN D 346 26.13 31.64 52.14
CA ASN D 346 25.80 30.25 51.88
C ASN D 346 24.28 30.03 51.85
N GLN D 347 23.55 31.01 51.31
CA GLN D 347 22.10 30.91 51.36
C GLN D 347 21.47 31.92 50.39
N VAL D 348 20.43 31.47 49.69
CA VAL D 348 19.65 32.32 48.80
C VAL D 348 18.16 32.08 49.09
N ILE D 349 17.39 33.17 49.13
CA ILE D 349 15.97 33.11 49.46
C ILE D 349 15.19 33.73 48.31
N MET D 350 14.16 33.02 47.85
CA MET D 350 13.48 33.34 46.60
C MET D 350 11.97 33.35 46.82
N LEU D 351 11.32 34.46 46.49
CA LEU D 351 9.87 34.46 46.32
C LEU D 351 9.48 34.18 44.88
N LEU D 352 8.45 33.35 44.74
CA LEU D 352 8.01 32.78 43.48
C LEU D 352 6.53 33.09 43.31
N TYR D 353 6.18 33.83 42.24
CA TYR D 353 4.82 33.88 41.71
C TYR D 353 4.64 32.91 40.56
N PRO D 354 4.13 31.70 40.80
CA PRO D 354 3.56 30.92 39.70
C PRO D 354 2.19 31.48 39.32
N ASP D 355 2.05 31.88 38.05
CA ASP D 355 0.72 32.14 37.52
C ASP D 355 -0.04 30.85 37.24
N HIS D 356 0.64 29.71 37.36
CA HIS D 356 0.21 28.36 37.06
C HIS D 356 1.35 27.43 37.48
N PRO D 357 1.08 26.13 37.73
CA PRO D 357 2.13 25.25 38.25
C PRO D 357 3.44 25.34 37.49
N THR D 358 4.49 25.77 38.18
CA THR D 358 5.79 26.05 37.58
C THR D 358 6.83 25.15 38.23
N LEU D 359 7.60 24.44 37.41
CA LEU D 359 8.60 23.52 37.94
C LEU D 359 9.83 24.27 38.41
N LEU D 360 10.31 23.94 39.60
CA LEU D 360 11.52 24.50 40.17
C LEU D 360 12.50 23.37 40.39
N SER D 361 13.73 23.53 39.91
CA SER D 361 14.76 22.52 40.10
C SER D 361 16.06 23.20 40.43
N TYR D 362 16.95 22.46 41.08
CA TYR D 362 18.25 23.02 41.42
C TYR D 362 19.25 21.91 41.68
N ARG D 363 20.51 22.25 41.40
CA ARG D 363 21.62 21.31 41.50
C ARG D 363 22.88 22.06 41.95
N ASN D 364 23.70 21.37 42.73
CA ASN D 364 25.03 21.85 43.04
C ASN D 364 25.94 21.67 41.83
N MET D 365 26.87 22.60 41.67
CA MET D 365 27.78 22.59 40.52
C MET D 365 29.14 21.98 40.87
N GLY D 366 29.21 21.23 41.96
CA GLY D 366 30.37 20.44 42.31
C GLY D 366 30.21 18.99 41.91
N GLU D 367 30.94 18.12 42.63
CA GLU D 367 30.93 16.70 42.29
C GLU D 367 29.58 16.06 42.58
N GLU D 368 28.96 16.43 43.70
CA GLU D 368 27.67 15.88 44.11
C GLU D 368 26.57 16.86 43.71
N PRO D 369 25.86 16.64 42.60
CA PRO D 369 24.90 17.66 42.14
C PRO D 369 23.65 17.73 42.99
N ASN D 370 23.17 16.61 43.54
CA ASN D 370 22.04 16.60 44.45
C ASN D 370 20.82 17.28 43.82
N TYR D 371 20.34 16.67 42.73
CA TYR D 371 19.20 17.21 42.01
C TYR D 371 17.97 17.26 42.91
N GLN D 372 17.32 18.41 42.96
CA GLN D 372 16.03 18.53 43.61
C GLN D 372 15.06 19.24 42.67
N GLU D 373 13.79 18.83 42.71
CA GLU D 373 12.76 19.53 41.95
C GLU D 373 11.46 19.45 42.70
N GLU D 374 10.57 20.40 42.39
CA GLU D 374 9.21 20.41 42.89
C GLU D 374 8.37 21.33 42.01
N TRP D 375 7.09 21.00 41.90
CA TRP D 375 6.14 21.84 41.20
C TRP D 375 5.57 22.88 42.17
N VAL D 376 5.82 24.16 41.89
CA VAL D 376 5.30 25.25 42.71
C VAL D 376 3.91 25.58 42.20
N MET D 377 2.92 25.47 43.09
CA MET D 377 1.51 25.66 42.77
C MET D 377 1.11 27.13 42.83
N HIS D 378 1.25 27.73 43.99
CA HIS D 378 0.90 29.12 44.25
C HIS D 378 2.07 29.80 44.96
N LYS D 379 1.92 31.11 45.19
CA LYS D 379 3.03 31.96 45.61
C LYS D 379 3.76 31.37 46.81
N LYS D 380 5.11 31.37 46.75
CA LYS D 380 5.87 30.57 47.70
C LYS D 380 7.23 31.20 47.98
N GLU D 381 7.75 30.93 49.17
CA GLU D 381 9.12 31.28 49.55
C GLU D 381 9.97 30.01 49.59
N VAL D 382 11.20 30.11 49.07
CA VAL D 382 12.11 28.97 49.01
C VAL D 382 13.46 29.41 49.55
N VAL D 383 14.03 28.61 50.46
CA VAL D 383 15.32 28.88 51.08
C VAL D 383 16.29 27.79 50.63
N LEU D 384 17.38 28.18 49.98
CA LEU D 384 18.30 27.27 49.34
C LEU D 384 19.71 27.48 49.88
N THR D 385 20.42 26.38 50.10
CA THR D 385 21.80 26.42 50.56
C THR D 385 22.73 26.58 49.36
N VAL D 386 23.58 27.60 49.42
CA VAL D 386 24.54 27.84 48.35
C VAL D 386 25.90 27.31 48.79
N PRO D 387 26.33 26.14 48.29
CA PRO D 387 27.61 25.57 48.74
C PRO D 387 28.79 26.37 48.21
N THR D 388 30.01 25.95 48.55
CA THR D 388 31.21 26.62 48.05
C THR D 388 31.20 26.69 46.53
N GLU D 389 30.75 25.61 45.88
CA GLU D 389 30.83 25.49 44.42
C GLU D 389 29.80 26.33 43.70
N GLY D 390 28.72 26.72 44.37
CA GLY D 390 27.64 27.44 43.74
C GLY D 390 26.44 26.55 43.50
N LEU D 391 25.33 27.20 43.13
CA LEU D 391 24.04 26.57 42.94
C LEU D 391 23.44 27.02 41.63
N GLU D 392 22.86 26.08 40.88
CA GLU D 392 22.09 26.38 39.67
C GLU D 392 20.62 26.09 39.94
N VAL D 393 19.77 27.04 39.57
CA VAL D 393 18.34 27.00 39.88
C VAL D 393 17.55 27.31 38.61
N THR D 394 16.81 26.32 38.12
CA THR D 394 15.93 26.49 36.97
C THR D 394 14.50 26.71 37.47
N TRP D 395 13.93 27.87 37.14
CA TRP D 395 12.60 28.28 37.55
C TRP D 395 11.68 28.22 36.33
N GLY D 396 10.99 27.10 36.18
CA GLY D 396 10.08 26.92 35.06
C GLY D 396 10.81 27.00 33.73
N ASN D 397 10.21 27.75 32.80
CA ASN D 397 10.72 27.85 31.44
C ASN D 397 11.80 28.90 31.28
N ASN D 398 12.19 29.58 32.36
CA ASN D 398 13.27 30.54 32.29
C ASN D 398 14.61 29.83 32.10
N GLU D 399 15.62 30.62 31.76
CA GLU D 399 16.99 30.14 31.75
C GLU D 399 17.51 30.04 33.18
N PRO D 400 18.45 29.14 33.45
CA PRO D 400 18.88 28.90 34.83
C PRO D 400 19.54 30.11 35.47
N TYR D 401 19.36 30.21 36.78
CA TYR D 401 19.97 31.20 37.65
C TYR D 401 21.18 30.56 38.31
N LYS D 402 22.24 31.35 38.51
CA LYS D 402 23.46 30.82 39.08
C LYS D 402 23.92 31.71 40.24
N TYR D 403 24.28 31.07 41.35
CA TYR D 403 24.62 31.79 42.58
C TYR D 403 25.89 31.19 43.18
N TRP D 404 26.80 32.04 43.63
CA TRP D 404 27.98 31.57 44.34
C TRP D 404 28.15 32.35 45.64
N PRO D 405 28.69 31.72 46.68
CA PRO D 405 29.07 32.48 47.87
C PRO D 405 30.23 33.41 47.55
N GLN D 406 30.27 34.53 48.25
CA GLN D 406 31.30 35.54 47.99
C GLN D 406 32.69 35.05 48.39
#